data_8H41
#
_entry.id   8H41
#
_cell.length_a   57.916
_cell.length_b   92.310
_cell.length_c   128.660
_cell.angle_alpha   90.000
_cell.angle_beta   90.000
_cell.angle_gamma   90.000
#
_symmetry.space_group_name_H-M   'P 21 21 21'
#
loop_
_entity.id
_entity.type
_entity.pdbx_description
1 polymer 'Salicylate decarboxylase'
2 non-polymer O-NITROPHENOL
3 non-polymer 'MAGNESIUM ION'
4 water water
#
_entity_poly.entity_id   1
_entity_poly.type   'polypeptide(L)'
_entity_poly.pdbx_seq_one_letter_code
;HHHHHHGSMRGKVSLEEAFELPKFAAQTKEKAELYIAPNNRDRYFEEILNPCGNRLELSNKHGIGYTIYSIYSPGPQGWT
ERAECEEYARECNDYISGEIANHKDRMGAFAALSMHDPKQASEELTRCVKELGFLGALVNDVQHAGPEGETHIFYDQPEW
DIFWQTCVDLDVPFYLHPEPPFGSYLRNQYEGRKYLIGPPVSFANGVSLHVLGMIVNGVFDRFPKLKVILGHLGEHIPGD
FWRIEHWFEHCSRPLAKSRGDVFAEKPLLHYFRNNIWLTTSGNFSTETLKFCVEHVGAERILFSVDSPYEHIDVGCGWYD
DNAKAIMEAVGGEKAYKDIGRDNAKKLFKLGKFYDSEA
;
_entity_poly.pdbx_strand_id   A,B
#
loop_
_chem_comp.id
_chem_comp.type
_chem_comp.name
_chem_comp.formula
MG non-polymer 'MAGNESIUM ION' 'Mg 2'
OPO non-polymer O-NITROPHENOL 'C6 H5 N O3'
#
# COMPACT_ATOMS: atom_id res chain seq x y z
N GLY A 7 -9.69 32.50 3.68
CA GLY A 7 -8.92 32.44 4.90
C GLY A 7 -9.06 31.14 5.65
N SER A 8 -8.22 30.95 6.66
CA SER A 8 -8.30 29.79 7.54
C SER A 8 -9.63 29.76 8.32
N MET A 9 -9.95 28.61 8.89
CA MET A 9 -11.24 28.45 9.55
C MET A 9 -11.08 27.88 10.95
N ARG A 10 -12.06 28.21 11.78
CA ARG A 10 -12.16 27.69 13.14
C ARG A 10 -13.30 26.68 13.22
N GLY A 11 -13.35 25.98 14.36
CA GLY A 11 -14.35 24.95 14.52
C GLY A 11 -14.03 23.65 13.82
N LYS A 12 -12.77 23.42 13.44
CA LYS A 12 -12.40 22.20 12.76
C LYS A 12 -12.71 21.01 13.64
N VAL A 13 -13.13 19.91 13.01
CA VAL A 13 -13.33 18.64 13.70
C VAL A 13 -12.12 17.75 13.44
N SER A 14 -11.64 17.08 14.50
CA SER A 14 -10.45 16.25 14.44
C SER A 14 -10.75 14.96 15.18
N LEU A 15 -10.57 13.80 14.52
CA LEU A 15 -11.21 12.61 15.04
C LEU A 15 -10.38 11.33 14.89
N GLU A 16 -9.04 11.44 14.90
CA GLU A 16 -8.17 10.27 15.08
C GLU A 16 -7.17 10.56 16.19
N GLU A 17 -7.70 10.87 17.37
CA GLU A 17 -6.93 11.47 18.45
C GLU A 17 -6.93 10.53 19.65
N ALA A 18 -5.76 9.96 19.96
CA ALA A 18 -5.69 8.79 20.82
C ALA A 18 -5.40 9.14 22.27
N PHE A 19 -5.83 8.25 23.16
CA PHE A 19 -5.46 8.31 24.57
C PHE A 19 -5.13 6.90 25.06
N GLU A 20 -4.57 6.83 26.26
CA GLU A 20 -4.40 5.60 27.03
C GLU A 20 -4.88 5.85 28.44
N LEU A 21 -5.29 4.78 29.13
CA LEU A 21 -5.62 4.84 30.56
C LEU A 21 -4.41 5.32 31.35
N PRO A 22 -4.52 6.40 32.13
CA PRO A 22 -3.36 6.90 32.88
C PRO A 22 -2.66 5.85 33.73
N LYS A 23 -3.39 4.87 34.28
CA LYS A 23 -2.71 3.88 35.12
C LYS A 23 -1.74 3.01 34.32
N PHE A 24 -1.86 3.04 32.99
CA PHE A 24 -0.97 2.23 32.11
C PHE A 24 0.07 3.12 31.43
N ALA A 25 0.48 4.22 32.08
CA ALA A 25 1.49 5.14 31.51
C ALA A 25 2.74 4.37 31.10
N ALA A 26 3.07 3.30 31.84
CA ALA A 26 4.29 2.50 31.54
C ALA A 26 4.17 1.88 30.15
N GLN A 27 2.97 1.43 29.77
CA GLN A 27 2.72 0.82 28.44
C GLN A 27 3.03 1.86 27.35
N THR A 28 2.72 3.13 27.60
CA THR A 28 2.92 4.20 26.59
C THR A 28 4.41 4.27 26.23
N LYS A 29 5.30 4.00 27.17
CA LYS A 29 6.76 4.12 26.91
C LYS A 29 7.14 3.19 25.75
N GLU A 30 6.59 1.98 25.71
CA GLU A 30 6.89 1.04 24.59
C GLU A 30 6.40 1.65 23.26
N LYS A 31 5.24 2.31 23.26
CA LYS A 31 4.77 3.02 22.04
C LYS A 31 5.75 4.15 21.69
N ALA A 32 6.26 4.86 22.70
CA ALA A 32 7.18 5.99 22.45
C ALA A 32 8.43 5.45 21.75
N GLU A 33 8.88 4.26 22.15
CA GLU A 33 10.07 3.61 21.54
C GLU A 33 9.79 3.35 20.05
N LEU A 34 8.54 3.00 19.71
CA LEU A 34 8.20 2.69 18.30
C LEU A 34 7.80 3.91 17.47
N TYR A 35 7.29 4.99 18.05
CA TYR A 35 6.68 6.05 17.26
C TYR A 35 7.11 7.47 17.58
N ILE A 36 7.95 7.69 18.60
CA ILE A 36 8.17 9.06 19.10
C ILE A 36 9.66 9.37 19.17
N ALA A 37 10.07 10.40 18.44
CA ALA A 37 11.44 10.89 18.50
C ALA A 37 11.77 11.38 19.92
N PRO A 38 13.03 11.25 20.36
CA PRO A 38 13.38 11.68 21.73
C PRO A 38 12.94 13.09 22.10
N ASN A 39 13.08 14.07 21.20
CA ASN A 39 12.71 15.44 21.52
C ASN A 39 11.21 15.63 21.68
N ASN A 40 10.42 14.63 21.31
CA ASN A 40 8.96 14.72 21.39
C ASN A 40 8.38 13.88 22.53
N ARG A 41 9.23 13.24 23.35
CA ARG A 41 8.78 12.32 24.39
C ARG A 41 7.99 13.03 25.48
N ASP A 42 8.54 14.13 26.01
CA ASP A 42 7.84 14.86 27.06
C ASP A 42 6.42 15.21 26.64
N ARG A 43 6.28 15.78 25.42
CA ARG A 43 4.98 16.20 24.92
C ARG A 43 4.04 15.02 24.69
N TYR A 44 4.56 13.93 24.12
CA TYR A 44 3.76 12.73 23.90
C TYR A 44 3.17 12.20 25.19
N PHE A 45 4.02 12.04 26.22
CA PHE A 45 3.55 11.47 27.46
C PHE A 45 2.53 12.40 28.11
N GLU A 46 2.69 13.71 27.95
CA GLU A 46 1.70 14.63 28.51
C GLU A 46 0.37 14.48 27.78
N GLU A 47 0.41 14.37 26.45
CA GLU A 47 -0.82 14.39 25.66
C GLU A 47 -1.55 13.05 25.71
N ILE A 48 -0.82 11.94 25.56
CA ILE A 48 -1.49 10.63 25.54
C ILE A 48 -2.20 10.35 26.86
N LEU A 49 -1.72 10.93 27.97
CA LEU A 49 -2.30 10.62 29.28
C LEU A 49 -3.22 11.71 29.83
N ASN A 50 -3.47 12.79 29.11
CA ASN A 50 -4.22 13.93 29.62
C ASN A 50 -5.14 14.48 28.54
N PRO A 51 -6.31 13.88 28.34
CA PRO A 51 -7.21 14.35 27.28
C PRO A 51 -7.61 15.81 27.41
N CYS A 52 -7.61 16.35 28.63
CA CYS A 52 -8.02 17.74 28.86
C CYS A 52 -6.83 18.64 29.15
N GLY A 53 -5.62 18.17 28.89
CA GLY A 53 -4.43 18.94 29.21
C GLY A 53 -4.00 19.87 28.09
N ASN A 54 -2.69 19.89 27.84
CA ASN A 54 -2.15 20.85 26.88
C ASN A 54 -2.67 20.63 25.47
N ARG A 55 -3.04 19.39 25.12
CA ARG A 55 -3.54 19.16 23.77
C ARG A 55 -4.87 19.88 23.56
N LEU A 56 -5.65 20.05 24.62
CA LEU A 56 -6.88 20.84 24.52
C LEU A 56 -6.57 22.33 24.35
N GLU A 57 -5.59 22.86 25.09
CA GLU A 57 -5.17 24.24 24.89
C GLU A 57 -4.67 24.46 23.47
N LEU A 58 -3.88 23.51 22.94
CA LEU A 58 -3.42 23.65 21.58
C LEU A 58 -4.57 23.61 20.60
N SER A 59 -5.54 22.72 20.84
CA SER A 59 -6.69 22.60 19.96
C SER A 59 -7.50 23.90 19.94
N ASN A 60 -7.73 24.49 21.11
CA ASN A 60 -8.41 25.79 21.18
C ASN A 60 -7.62 26.83 20.40
N LYS A 61 -6.31 26.90 20.64
CA LYS A 61 -5.46 27.87 19.95
C LYS A 61 -5.54 27.71 18.46
N HIS A 62 -5.56 26.46 17.97
CA HIS A 62 -5.35 26.20 16.55
C HIS A 62 -6.65 25.96 15.80
N GLY A 63 -7.78 26.36 16.37
CA GLY A 63 -9.01 26.38 15.62
C GLY A 63 -9.67 25.04 15.42
N ILE A 64 -9.51 24.13 16.37
CA ILE A 64 -10.31 22.92 16.42
C ILE A 64 -11.50 23.18 17.32
N GLY A 65 -12.69 22.88 16.84
CA GLY A 65 -13.89 23.05 17.65
C GLY A 65 -14.35 21.78 18.33
N TYR A 66 -13.97 20.62 17.80
CA TYR A 66 -14.52 19.36 18.30
C TYR A 66 -13.51 18.24 18.08
N THR A 67 -13.10 17.62 19.19
CA THR A 67 -12.18 16.48 19.17
C THR A 67 -12.93 15.21 19.57
N ILE A 68 -12.86 14.19 18.72
CA ILE A 68 -13.35 12.87 19.08
C ILE A 68 -12.17 12.01 19.47
N TYR A 69 -12.16 11.56 20.72
CA TYR A 69 -11.09 10.74 21.27
C TYR A 69 -11.36 9.25 21.04
N SER A 70 -10.27 8.49 21.02
CA SER A 70 -10.28 7.05 20.80
C SER A 70 -9.09 6.41 21.50
N ILE A 71 -9.20 5.11 21.77
CA ILE A 71 -8.09 4.40 22.42
C ILE A 71 -6.95 4.26 21.44
N TYR A 72 -5.71 4.39 21.93
CA TYR A 72 -4.53 4.25 21.10
C TYR A 72 -4.35 2.78 20.72
N SER A 73 -3.27 2.51 19.97
CA SER A 73 -3.12 1.27 19.25
C SER A 73 -1.94 0.46 19.76
N PRO A 74 -2.10 -0.87 19.89
CA PRO A 74 -3.27 -1.66 19.49
C PRO A 74 -4.44 -1.51 20.45
N GLY A 75 -4.24 -1.03 21.68
CA GLY A 75 -5.34 -0.97 22.61
C GLY A 75 -5.92 -2.35 22.86
N PRO A 76 -7.25 -2.45 22.96
CA PRO A 76 -7.86 -3.77 23.22
C PRO A 76 -7.46 -4.80 22.18
N GLN A 77 -7.11 -4.36 20.98
CA GLN A 77 -6.80 -5.34 19.94
C GLN A 77 -5.50 -6.07 20.22
N GLY A 78 -4.69 -5.53 21.14
CA GLY A 78 -3.51 -6.21 21.59
C GLY A 78 -3.69 -7.02 22.85
N TRP A 79 -4.87 -7.02 23.46
CA TRP A 79 -5.13 -7.83 24.65
C TRP A 79 -5.68 -9.19 24.22
N THR A 80 -4.90 -10.26 24.42
CA THR A 80 -5.19 -11.54 23.81
C THR A 80 -6.16 -12.40 24.63
N GLU A 81 -6.40 -12.07 25.90
CA GLU A 81 -7.31 -12.84 26.77
C GLU A 81 -8.66 -12.14 26.77
N ARG A 82 -9.69 -12.83 26.26
CA ARG A 82 -11.00 -12.21 26.04
C ARG A 82 -11.51 -11.45 27.26
N ALA A 83 -11.51 -12.09 28.42
CA ALA A 83 -12.10 -11.45 29.60
C ALA A 83 -11.30 -10.22 30.01
N GLU A 84 -9.96 -10.30 29.96
CA GLU A 84 -9.12 -9.14 30.28
C GLU A 84 -9.34 -8.02 29.28
N CYS A 85 -9.44 -8.37 28.00
CA CYS A 85 -9.70 -7.42 26.93
C CYS A 85 -11.03 -6.70 27.13
N GLU A 86 -12.10 -7.47 27.41
CA GLU A 86 -13.41 -6.86 27.61
C GLU A 86 -13.40 -5.92 28.80
N GLU A 87 -12.73 -6.30 29.87
CA GLU A 87 -12.65 -5.42 31.07
C GLU A 87 -11.89 -4.14 30.70
N TYR A 88 -10.79 -4.28 29.96
CA TYR A 88 -9.98 -3.13 29.58
C TYR A 88 -10.77 -2.17 28.71
N ALA A 89 -11.50 -2.69 27.70
CA ALA A 89 -12.26 -1.82 26.82
C ALA A 89 -13.29 -1.02 27.61
N ARG A 90 -14.02 -1.70 28.50
CA ARG A 90 -15.00 -1.02 29.34
C ARG A 90 -14.35 0.05 30.19
N GLU A 91 -13.18 -0.25 30.80
CA GLU A 91 -12.48 0.73 31.60
C GLU A 91 -12.09 1.95 30.77
N CYS A 92 -11.65 1.72 29.53
CA CYS A 92 -11.32 2.83 28.63
C CYS A 92 -12.54 3.69 28.35
N ASN A 93 -13.68 3.06 28.04
CA ASN A 93 -14.87 3.84 27.70
C ASN A 93 -15.38 4.64 28.90
N ASP A 94 -15.38 4.03 30.08
CA ASP A 94 -15.78 4.76 31.28
C ASP A 94 -14.84 5.91 31.56
N TYR A 95 -13.55 5.70 31.33
CA TYR A 95 -12.55 6.73 31.57
C TYR A 95 -12.76 7.93 30.66
N ILE A 96 -12.82 7.69 29.36
CA ILE A 96 -12.93 8.84 28.46
C ILE A 96 -14.29 9.51 28.61
N SER A 97 -15.34 8.74 28.94
CA SER A 97 -16.64 9.34 29.25
C SER A 97 -16.51 10.35 30.39
N GLY A 98 -15.78 9.98 31.45
CA GLY A 98 -15.60 10.90 32.57
C GLY A 98 -14.76 12.10 32.21
N GLU A 99 -13.74 11.90 31.37
CA GLU A 99 -12.88 12.99 30.94
C GLU A 99 -13.64 14.00 30.09
N ILE A 100 -14.40 13.51 29.10
CA ILE A 100 -15.10 14.42 28.19
C ILE A 100 -16.34 15.03 28.80
N ALA A 101 -16.79 14.53 29.95
CA ALA A 101 -18.02 15.03 30.56
C ALA A 101 -17.96 16.53 30.78
N ASN A 102 -16.80 17.03 31.18
CA ASN A 102 -16.60 18.44 31.51
C ASN A 102 -16.42 19.34 30.29
N HIS A 103 -16.46 18.81 29.07
CA HIS A 103 -16.21 19.63 27.89
C HIS A 103 -17.12 19.20 26.75
N LYS A 104 -18.41 19.08 27.04
CA LYS A 104 -19.33 18.52 26.00
C LYS A 104 -19.38 19.37 24.73
N ASP A 105 -19.05 20.66 24.81
CA ASP A 105 -19.11 21.49 23.60
C ASP A 105 -17.94 21.28 22.65
N ARG A 106 -16.91 20.51 23.03
CA ARG A 106 -15.77 20.34 22.14
C ARG A 106 -15.11 18.97 22.20
N MET A 107 -15.72 17.96 22.81
CA MET A 107 -15.14 16.63 22.95
C MET A 107 -16.22 15.58 22.74
N GLY A 108 -15.90 14.56 21.93
CA GLY A 108 -16.67 13.35 21.86
C GLY A 108 -15.75 12.15 21.94
N ALA A 109 -16.33 10.96 21.81
CA ALA A 109 -15.48 9.78 21.88
C ALA A 109 -15.99 8.68 20.97
N PHE A 110 -15.07 7.82 20.56
CA PHE A 110 -15.34 6.56 19.88
C PHE A 110 -15.18 5.41 20.87
N ALA A 111 -16.04 4.40 20.75
CA ALA A 111 -15.92 3.23 21.62
C ALA A 111 -14.63 2.47 21.35
N ALA A 112 -13.94 2.14 22.45
CA ALA A 112 -12.99 1.04 22.46
C ALA A 112 -13.74 -0.28 22.64
N LEU A 113 -13.35 -1.32 21.91
CA LEU A 113 -14.08 -2.57 21.90
C LEU A 113 -13.13 -3.75 21.99
N SER A 114 -13.50 -4.74 22.79
CA SER A 114 -12.93 -6.07 22.66
C SER A 114 -13.59 -6.72 21.46
N MET A 115 -12.81 -7.16 20.47
CA MET A 115 -13.40 -7.72 19.26
C MET A 115 -13.21 -9.24 19.21
N HIS A 116 -13.13 -9.86 20.38
CA HIS A 116 -13.09 -11.32 20.49
C HIS A 116 -14.43 -11.96 20.11
N ASP A 117 -15.55 -11.33 20.49
CA ASP A 117 -16.87 -11.92 20.28
C ASP A 117 -17.80 -10.87 19.69
N PRO A 118 -18.41 -11.14 18.53
CA PRO A 118 -19.27 -10.14 17.90
C PRO A 118 -20.43 -9.66 18.77
N LYS A 119 -21.07 -10.58 19.48
CA LYS A 119 -22.23 -10.17 20.28
C LYS A 119 -21.82 -9.27 21.42
N GLN A 120 -20.71 -9.59 22.08
CA GLN A 120 -20.26 -8.80 23.22
C GLN A 120 -19.80 -7.41 22.78
N ALA A 121 -19.11 -7.34 21.64
CA ALA A 121 -18.69 -6.04 21.10
C ALA A 121 -19.90 -5.19 20.73
N SER A 122 -20.93 -5.83 20.16
CA SER A 122 -22.16 -5.14 19.81
C SER A 122 -22.80 -4.51 21.03
N GLU A 123 -22.83 -5.24 22.14
CA GLU A 123 -23.44 -4.73 23.36
C GLU A 123 -22.62 -3.59 23.95
N GLU A 124 -21.29 -3.68 23.90
CA GLU A 124 -20.48 -2.59 24.43
C GLU A 124 -20.57 -1.35 23.55
N LEU A 125 -20.63 -1.51 22.23
CA LEU A 125 -20.89 -0.35 21.37
C LEU A 125 -22.25 0.26 21.69
N THR A 126 -23.26 -0.58 21.86
CA THR A 126 -24.58 -0.06 22.18
C THR A 126 -24.58 0.69 23.51
N ARG A 127 -23.88 0.17 24.51
CA ARG A 127 -23.75 0.89 25.77
C ARG A 127 -23.08 2.25 25.56
N CYS A 128 -21.98 2.28 24.80
CA CYS A 128 -21.28 3.54 24.60
C CYS A 128 -22.16 4.56 23.90
N VAL A 129 -22.85 4.15 22.84
CA VAL A 129 -23.65 5.10 22.05
C VAL A 129 -24.89 5.53 22.83
N LYS A 130 -25.65 4.56 23.36
CA LYS A 130 -26.94 4.86 23.94
C LYS A 130 -26.85 5.41 25.36
N GLU A 131 -25.89 4.93 26.14
CA GLU A 131 -25.74 5.40 27.51
C GLU A 131 -24.67 6.49 27.66
N LEU A 132 -23.60 6.45 26.87
CA LEU A 132 -22.50 7.39 27.06
C LEU A 132 -22.44 8.49 26.00
N GLY A 133 -23.26 8.42 24.96
CA GLY A 133 -23.27 9.44 23.94
C GLY A 133 -22.14 9.36 22.94
N PHE A 134 -21.43 8.22 22.87
CA PHE A 134 -20.30 8.09 21.96
C PHE A 134 -20.80 8.09 20.52
N LEU A 135 -19.88 8.37 19.59
CA LEU A 135 -20.25 8.74 18.23
C LEU A 135 -19.95 7.65 17.21
N GLY A 136 -19.50 6.50 17.67
CA GLY A 136 -19.04 5.46 16.79
C GLY A 136 -18.07 4.58 17.55
N ALA A 137 -17.36 3.75 16.78
CA ALA A 137 -16.32 2.88 17.32
C ALA A 137 -15.00 3.16 16.61
N LEU A 138 -13.90 3.03 17.34
CA LEU A 138 -12.59 3.00 16.69
C LEU A 138 -11.89 1.73 17.16
N VAL A 139 -11.54 0.89 16.20
CA VAL A 139 -10.98 -0.43 16.45
C VAL A 139 -9.65 -0.52 15.70
N ASN A 140 -8.62 -1.02 16.37
CA ASN A 140 -7.28 -1.01 15.80
C ASN A 140 -7.00 -2.29 15.03
N ASP A 141 -7.66 -2.44 13.89
CA ASP A 141 -7.37 -3.54 12.96
C ASP A 141 -7.75 -4.87 13.63
N VAL A 142 -7.09 -5.97 13.23
CA VAL A 142 -7.51 -7.29 13.69
C VAL A 142 -7.40 -7.43 15.20
N GLN A 143 -8.32 -8.19 15.77
CA GLN A 143 -8.20 -8.55 17.19
C GLN A 143 -7.22 -9.71 17.32
N HIS A 144 -6.23 -9.53 18.18
CA HIS A 144 -5.24 -10.56 18.41
C HIS A 144 -5.65 -11.49 19.53
N ALA A 145 -5.33 -12.77 19.37
CA ALA A 145 -5.70 -13.79 20.33
C ALA A 145 -4.61 -14.84 20.31
N GLY A 146 -4.59 -15.67 21.36
CA GLY A 146 -3.65 -16.76 21.47
C GLY A 146 -2.26 -16.29 21.88
N PRO A 147 -1.30 -17.22 21.95
CA PRO A 147 0.07 -16.84 22.36
C PRO A 147 0.72 -15.90 21.36
N GLU A 148 1.28 -14.82 21.88
CA GLU A 148 1.92 -13.75 21.10
C GLU A 148 0.96 -13.06 20.14
N GLY A 149 -0.35 -13.29 20.27
CA GLY A 149 -1.31 -12.72 19.34
C GLY A 149 -1.28 -13.33 17.95
N GLU A 150 -0.84 -14.59 17.84
CA GLU A 150 -0.73 -15.20 16.52
C GLU A 150 -2.08 -15.39 15.85
N THR A 151 -3.16 -15.57 16.63
CA THR A 151 -4.48 -15.65 16.03
C THR A 151 -4.92 -14.25 15.63
N HIS A 152 -5.25 -14.07 14.36
CA HIS A 152 -5.72 -12.80 13.80
C HIS A 152 -7.22 -12.92 13.55
N ILE A 153 -8.02 -12.16 14.30
CA ILE A 153 -9.47 -12.17 14.10
C ILE A 153 -9.87 -11.01 13.20
N PHE A 154 -10.37 -11.33 11.99
CA PHE A 154 -10.83 -10.36 11.02
C PHE A 154 -12.35 -10.17 11.09
N TYR A 155 -12.80 -8.95 10.79
CA TYR A 155 -14.21 -8.61 10.90
C TYR A 155 -14.95 -8.71 9.57
N ASP A 156 -14.32 -9.29 8.54
CA ASP A 156 -14.95 -9.46 7.25
C ASP A 156 -15.56 -10.85 7.07
N GLN A 157 -15.63 -11.64 8.15
CA GLN A 157 -16.24 -12.96 8.08
C GLN A 157 -17.69 -12.89 8.54
N PRO A 158 -18.53 -13.85 8.11
CA PRO A 158 -19.98 -13.71 8.33
C PRO A 158 -20.42 -13.58 9.79
N GLU A 159 -19.68 -14.14 10.76
CA GLU A 159 -20.15 -14.03 12.14
C GLU A 159 -20.22 -12.58 12.61
N TRP A 160 -19.54 -11.66 11.91
CA TRP A 160 -19.54 -10.27 12.31
C TRP A 160 -20.76 -9.51 11.80
N ASP A 161 -21.62 -10.15 10.99
CA ASP A 161 -22.85 -9.50 10.53
C ASP A 161 -23.69 -8.97 11.69
N ILE A 162 -23.70 -9.66 12.84
CA ILE A 162 -24.49 -9.13 13.96
C ILE A 162 -23.89 -7.82 14.49
N PHE A 163 -22.57 -7.64 14.36
CA PHE A 163 -21.93 -6.37 14.74
C PHE A 163 -22.21 -5.27 13.72
N TRP A 164 -22.06 -5.58 12.42
CA TRP A 164 -22.38 -4.57 11.41
C TRP A 164 -23.85 -4.19 11.48
N GLN A 165 -24.74 -5.13 11.81
CA GLN A 165 -26.13 -4.78 11.99
C GLN A 165 -26.29 -3.78 13.12
N THR A 166 -25.53 -3.96 14.20
CA THR A 166 -25.58 -3.02 15.32
C THR A 166 -25.10 -1.64 14.90
N CYS A 167 -24.01 -1.58 14.12
CA CYS A 167 -23.53 -0.29 13.64
C CYS A 167 -24.59 0.41 12.82
N VAL A 168 -25.28 -0.34 11.96
CA VAL A 168 -26.32 0.26 11.15
C VAL A 168 -27.54 0.64 11.99
N ASP A 169 -27.91 -0.20 12.97
CA ASP A 169 -29.04 0.11 13.85
C ASP A 169 -28.77 1.39 14.65
N LEU A 170 -27.56 1.49 15.22
CA LEU A 170 -27.18 2.70 15.95
C LEU A 170 -26.93 3.85 15.00
N ASP A 171 -26.72 3.53 13.71
CA ASP A 171 -26.36 4.48 12.67
C ASP A 171 -25.13 5.30 13.07
N VAL A 172 -24.07 4.59 13.45
CA VAL A 172 -22.80 5.25 13.78
C VAL A 172 -21.67 4.62 12.97
N PRO A 173 -20.60 5.36 12.70
CA PRO A 173 -19.50 4.83 11.89
C PRO A 173 -18.50 4.00 12.69
N PHE A 174 -17.75 3.20 11.93
CA PHE A 174 -16.72 2.29 12.41
C PHE A 174 -15.40 2.78 11.84
N TYR A 175 -14.52 3.28 12.70
CA TYR A 175 -13.21 3.78 12.28
C TYR A 175 -12.21 2.62 12.38
N LEU A 176 -11.67 2.20 11.25
CA LEU A 176 -10.78 1.05 11.18
C LEU A 176 -9.36 1.61 11.19
N HIS A 177 -8.71 1.57 12.36
CA HIS A 177 -7.42 2.20 12.62
C HIS A 177 -6.31 1.16 12.56
N PRO A 178 -5.08 1.53 12.22
CA PRO A 178 -4.00 0.53 12.12
C PRO A 178 -3.46 0.08 13.47
N GLU A 179 -2.64 -0.97 13.42
CA GLU A 179 -1.92 -1.46 14.60
C GLU A 179 -0.62 -2.12 14.16
N PRO A 180 0.32 -2.35 15.07
CA PRO A 180 1.64 -2.91 14.69
C PRO A 180 1.54 -4.38 14.38
N PRO A 181 2.62 -4.98 13.85
CA PRO A 181 2.64 -6.43 13.61
C PRO A 181 2.85 -7.23 14.90
N PHE A 182 2.29 -8.45 14.92
CA PHE A 182 2.40 -9.36 16.04
C PHE A 182 3.06 -10.66 15.61
N GLY A 183 3.68 -11.36 16.57
CA GLY A 183 4.01 -12.76 16.37
C GLY A 183 4.99 -13.01 15.24
N SER A 184 4.70 -14.07 14.46
CA SER A 184 5.58 -14.50 13.39
C SER A 184 5.67 -13.46 12.28
N TYR A 185 4.58 -12.73 12.03
CA TYR A 185 4.61 -11.64 11.06
C TYR A 185 5.61 -10.55 11.48
N LEU A 186 5.57 -10.18 12.76
CA LEU A 186 6.55 -9.26 13.31
C LEU A 186 7.98 -9.79 13.12
N ARG A 187 8.21 -11.03 13.54
CA ARG A 187 9.56 -11.60 13.50
C ARG A 187 10.02 -11.80 12.06
N ASN A 188 9.18 -12.42 11.23
CA ASN A 188 9.59 -12.75 9.86
C ASN A 188 9.82 -11.52 9.01
N GLN A 189 8.97 -10.51 9.14
CA GLN A 189 8.87 -9.49 8.11
C GLN A 189 9.23 -8.10 8.59
N TYR A 190 9.35 -7.88 9.90
CA TYR A 190 9.66 -6.55 10.40
C TYR A 190 10.90 -6.46 11.27
N GLU A 191 11.41 -7.58 11.81
CA GLU A 191 12.53 -7.48 12.74
C GLU A 191 13.78 -6.88 12.09
N GLY A 192 14.04 -7.21 10.83
CA GLY A 192 15.15 -6.60 10.12
C GLY A 192 14.88 -5.21 9.55
N ARG A 193 13.69 -4.65 9.76
CA ARG A 193 13.41 -3.30 9.27
C ARG A 193 12.39 -2.64 10.21
N LYS A 194 12.77 -2.59 11.49
CA LYS A 194 11.84 -2.18 12.53
C LYS A 194 11.36 -0.74 12.38
N TYR A 195 12.11 0.11 11.69
CA TYR A 195 11.61 1.47 11.53
C TYR A 195 10.47 1.55 10.52
N LEU A 196 10.09 0.46 9.87
CA LEU A 196 8.92 0.47 9.02
C LEU A 196 7.65 0.05 9.74
N ILE A 197 7.75 -0.29 11.02
CA ILE A 197 6.56 -0.48 11.84
C ILE A 197 5.90 0.88 12.08
N GLY A 198 4.63 1.00 11.73
CA GLY A 198 3.91 2.25 11.88
C GLY A 198 3.57 2.89 10.55
N PRO A 199 3.48 4.24 10.52
CA PRO A 199 3.12 4.95 9.31
C PRO A 199 3.92 4.64 8.05
N PRO A 200 5.23 4.28 8.11
CA PRO A 200 5.96 4.13 6.86
C PRO A 200 5.37 3.06 5.93
N VAL A 201 5.01 1.88 6.43
CA VAL A 201 4.26 0.93 5.54
C VAL A 201 3.33 -0.04 6.29
N SER A 202 3.71 -0.44 7.51
CA SER A 202 2.98 -1.54 8.17
C SER A 202 1.53 -1.19 8.46
N PHE A 203 1.30 0.02 8.95
CA PHE A 203 -0.08 0.33 9.37
C PHE A 203 -1.08 0.28 8.21
N ALA A 204 -0.73 0.91 7.09
CA ALA A 204 -1.62 0.93 5.90
C ALA A 204 -1.77 -0.49 5.33
N ASN A 205 -0.66 -1.23 5.31
CA ASN A 205 -0.69 -2.60 4.76
C ASN A 205 -1.78 -3.39 5.46
N GLY A 206 -1.82 -3.27 6.79
CA GLY A 206 -2.82 -4.03 7.52
C GLY A 206 -4.23 -3.50 7.30
N VAL A 207 -4.44 -2.18 7.43
CA VAL A 207 -5.80 -1.64 7.32
C VAL A 207 -6.37 -1.90 5.93
N SER A 208 -5.57 -1.64 4.89
CA SER A 208 -6.06 -1.82 3.53
C SER A 208 -6.47 -3.27 3.27
N LEU A 209 -5.64 -4.22 3.74
CA LEU A 209 -6.00 -5.63 3.65
C LEU A 209 -7.35 -5.90 4.31
N HIS A 210 -7.57 -5.30 5.49
CA HIS A 210 -8.78 -5.59 6.26
C HIS A 210 -10.01 -4.98 5.60
N VAL A 211 -9.93 -3.70 5.17
CA VAL A 211 -11.12 -3.07 4.61
C VAL A 211 -11.40 -3.59 3.21
N LEU A 212 -10.34 -3.89 2.44
CA LEU A 212 -10.58 -4.57 1.17
C LEU A 212 -11.20 -5.94 1.42
N GLY A 213 -10.82 -6.58 2.54
CA GLY A 213 -11.45 -7.84 2.90
C GLY A 213 -12.92 -7.67 3.21
N MET A 214 -13.28 -6.60 3.92
CA MET A 214 -14.69 -6.30 4.14
C MET A 214 -15.40 -6.14 2.80
N ILE A 215 -14.76 -5.46 1.84
CA ILE A 215 -15.39 -5.22 0.54
C ILE A 215 -15.60 -6.52 -0.21
N VAL A 216 -14.54 -7.31 -0.39
CA VAL A 216 -14.68 -8.47 -1.25
C VAL A 216 -15.46 -9.60 -0.57
N ASN A 217 -15.57 -9.59 0.75
CA ASN A 217 -16.39 -10.59 1.44
C ASN A 217 -17.86 -10.18 1.53
N GLY A 218 -18.22 -9.06 0.89
CA GLY A 218 -19.60 -8.66 0.72
C GLY A 218 -20.20 -7.89 1.87
N VAL A 219 -19.39 -7.41 2.83
CA VAL A 219 -19.95 -6.76 4.01
C VAL A 219 -20.80 -5.55 3.62
N PHE A 220 -20.30 -4.71 2.71
CA PHE A 220 -21.05 -3.50 2.34
C PHE A 220 -22.19 -3.78 1.39
N ASP A 221 -22.20 -4.96 0.77
CA ASP A 221 -23.37 -5.35 0.00
C ASP A 221 -24.49 -5.80 0.94
N ARG A 222 -24.12 -6.47 2.03
CA ARG A 222 -25.14 -6.94 2.96
C ARG A 222 -25.64 -5.82 3.85
N PHE A 223 -24.80 -4.80 4.08
CA PHE A 223 -25.14 -3.66 4.92
C PHE A 223 -24.83 -2.38 4.15
N PRO A 224 -25.68 -2.04 3.18
CA PRO A 224 -25.41 -0.84 2.37
C PRO A 224 -25.38 0.45 3.14
N LYS A 225 -25.95 0.51 4.34
CA LYS A 225 -25.89 1.76 5.09
C LYS A 225 -24.72 1.81 6.08
N LEU A 226 -23.86 0.80 6.09
CA LEU A 226 -22.74 0.80 7.01
C LEU A 226 -21.76 1.90 6.65
N LYS A 227 -21.28 2.63 7.66
CA LYS A 227 -20.34 3.71 7.44
C LYS A 227 -19.00 3.34 8.06
N VAL A 228 -17.93 3.45 7.27
CA VAL A 228 -16.60 3.10 7.73
C VAL A 228 -15.66 4.26 7.44
N ILE A 229 -14.72 4.50 8.35
CA ILE A 229 -13.77 5.59 8.23
C ILE A 229 -12.36 5.00 8.23
N LEU A 230 -11.54 5.46 7.29
CA LEU A 230 -10.12 5.13 7.21
C LEU A 230 -9.33 6.42 7.36
N GLY A 231 -8.27 6.38 8.15
CA GLY A 231 -7.40 7.53 8.28
C GLY A 231 -6.39 7.57 7.16
N HIS A 232 -5.49 8.54 7.27
CA HIS A 232 -4.28 8.57 6.44
C HIS A 232 -4.63 8.55 4.95
N LEU A 233 -5.72 9.24 4.59
CA LEU A 233 -6.15 9.37 3.20
C LEU A 233 -6.27 8.02 2.51
N GLY A 234 -6.74 7.03 3.26
CA GLY A 234 -7.22 5.80 2.68
C GLY A 234 -6.26 4.64 2.64
N GLU A 235 -5.16 4.72 3.39
CA GLU A 235 -4.29 3.57 3.69
C GLU A 235 -3.80 2.85 2.43
N HIS A 236 -3.25 3.63 1.49
CA HIS A 236 -2.67 3.19 0.21
C HIS A 236 -3.72 2.98 -0.89
N ILE A 237 -5.00 2.91 -0.59
CA ILE A 237 -5.93 2.43 -1.61
C ILE A 237 -6.18 3.45 -2.73
N PRO A 238 -6.31 4.75 -2.45
CA PRO A 238 -6.66 5.67 -3.54
C PRO A 238 -5.70 5.65 -4.71
N GLY A 239 -4.38 5.62 -4.48
CA GLY A 239 -3.43 5.52 -5.58
C GLY A 239 -3.64 4.28 -6.43
N ASP A 240 -4.20 3.21 -5.85
CA ASP A 240 -4.49 1.96 -6.54
C ASP A 240 -5.97 1.78 -6.89
N PHE A 241 -6.78 2.84 -6.85
CA PHE A 241 -8.19 2.68 -7.20
C PHE A 241 -8.33 2.02 -8.56
N TRP A 242 -7.55 2.48 -9.54
CA TRP A 242 -7.67 1.92 -10.88
C TRP A 242 -7.22 0.46 -10.89
N ARG A 243 -6.02 0.19 -10.37
CA ARG A 243 -5.44 -1.16 -10.41
C ARG A 243 -6.33 -2.19 -9.71
N ILE A 244 -6.85 -1.85 -8.52
CA ILE A 244 -7.64 -2.84 -7.78
C ILE A 244 -8.92 -3.20 -8.55
N GLU A 245 -9.69 -2.19 -8.96
CA GLU A 245 -10.93 -2.47 -9.68
C GLU A 245 -10.66 -3.11 -11.03
N HIS A 246 -9.60 -2.67 -11.72
CA HIS A 246 -9.21 -3.37 -12.94
C HIS A 246 -9.02 -4.87 -12.70
N TRP A 247 -8.25 -5.23 -11.67
CA TRP A 247 -8.04 -6.66 -11.40
C TRP A 247 -9.35 -7.34 -11.02
N PHE A 248 -10.20 -6.65 -10.27
CA PHE A 248 -11.51 -7.22 -9.95
C PHE A 248 -12.31 -7.50 -11.22
N GLU A 249 -12.23 -6.62 -12.22
CA GLU A 249 -12.94 -6.84 -13.48
C GLU A 249 -12.29 -7.93 -14.32
N HIS A 250 -10.97 -7.93 -14.37
CA HIS A 250 -10.20 -8.78 -15.27
C HIS A 250 -10.03 -10.19 -14.72
N CYS A 251 -9.89 -10.31 -13.40
CA CYS A 251 -9.68 -11.61 -12.74
C CYS A 251 -10.73 -11.89 -11.68
N SER A 252 -10.80 -11.11 -10.60
CA SER A 252 -11.42 -11.60 -9.36
C SER A 252 -12.93 -11.83 -9.49
N ARG A 253 -13.67 -10.85 -10.03
CA ARG A 253 -15.13 -11.00 -10.07
C ARG A 253 -15.58 -12.18 -10.91
N PRO A 254 -15.15 -12.33 -12.17
CA PRO A 254 -15.53 -13.56 -12.90
C PRO A 254 -14.97 -14.82 -12.29
N LEU A 255 -13.76 -14.80 -11.73
CA LEU A 255 -13.22 -16.02 -11.14
C LEU A 255 -14.07 -16.46 -9.94
N ALA A 256 -14.36 -15.54 -9.03
CA ALA A 256 -15.21 -15.86 -7.89
C ALA A 256 -16.56 -16.39 -8.36
N LYS A 257 -17.16 -15.72 -9.33
CA LYS A 257 -18.50 -16.13 -9.81
C LYS A 257 -18.43 -17.58 -10.31
N SER A 258 -17.40 -17.91 -11.10
CA SER A 258 -17.32 -19.25 -11.66
C SER A 258 -17.30 -20.33 -10.58
N ARG A 259 -16.88 -20.00 -9.37
CA ARG A 259 -16.78 -20.95 -8.27
C ARG A 259 -17.95 -20.85 -7.29
N GLY A 260 -18.84 -19.88 -7.46
CA GLY A 260 -19.86 -19.66 -6.47
C GLY A 260 -19.35 -18.99 -5.23
N ASP A 261 -18.16 -18.38 -5.30
CA ASP A 261 -17.57 -17.68 -4.15
C ASP A 261 -18.17 -16.29 -3.99
N VAL A 262 -18.37 -15.86 -2.74
CA VAL A 262 -18.80 -14.50 -2.49
C VAL A 262 -17.75 -13.54 -3.04
N PHE A 263 -18.23 -12.44 -3.64
CA PHE A 263 -17.37 -11.35 -4.04
C PHE A 263 -18.16 -10.05 -3.98
N ALA A 264 -17.43 -8.93 -3.90
CA ALA A 264 -18.02 -7.61 -3.99
C ALA A 264 -18.91 -7.51 -5.23
N GLU A 265 -20.14 -7.06 -5.03
CA GLU A 265 -21.08 -6.93 -6.15
C GLU A 265 -20.86 -5.64 -6.94
N LYS A 266 -20.32 -4.59 -6.32
CA LYS A 266 -20.17 -3.28 -6.95
C LYS A 266 -18.70 -2.98 -7.16
N PRO A 267 -18.39 -1.97 -7.98
CA PRO A 267 -16.99 -1.58 -8.19
C PRO A 267 -16.41 -0.95 -6.94
N LEU A 268 -15.09 -1.02 -6.82
CA LEU A 268 -14.41 -0.50 -5.62
C LEU A 268 -14.81 0.94 -5.32
N LEU A 269 -14.84 1.81 -6.35
CA LEU A 269 -15.14 3.22 -6.11
C LEU A 269 -16.54 3.44 -5.55
N HIS A 270 -17.49 2.55 -5.86
CA HIS A 270 -18.83 2.69 -5.28
C HIS A 270 -18.77 2.66 -3.75
N TYR A 271 -17.97 1.74 -3.19
CA TYR A 271 -17.86 1.69 -1.73
C TYR A 271 -17.17 2.93 -1.18
N PHE A 272 -16.17 3.45 -1.90
CA PHE A 272 -15.51 4.65 -1.42
C PHE A 272 -16.32 5.92 -1.68
N ARG A 273 -17.40 5.83 -2.44
CA ARG A 273 -18.29 6.96 -2.66
C ARG A 273 -19.59 6.83 -1.88
N ASN A 274 -19.78 5.74 -1.15
CA ASN A 274 -21.03 5.54 -0.41
C ASN A 274 -20.84 5.07 1.03
N ASN A 275 -19.87 4.19 1.27
CA ASN A 275 -19.71 3.57 2.58
C ASN A 275 -18.48 4.03 3.35
N ILE A 276 -17.48 4.61 2.68
CA ILE A 276 -16.20 4.91 3.30
C ILE A 276 -15.93 6.40 3.21
N TRP A 277 -15.49 6.96 4.33
CA TRP A 277 -14.94 8.29 4.46
C TRP A 277 -13.45 8.19 4.73
N LEU A 278 -12.69 9.16 4.25
CA LEU A 278 -11.26 9.25 4.56
C LEU A 278 -11.03 10.41 5.52
N THR A 279 -10.02 10.30 6.37
CA THR A 279 -9.54 11.46 7.12
C THR A 279 -8.13 11.82 6.66
N THR A 280 -7.68 13.02 7.05
CA THR A 280 -6.34 13.49 6.69
C THR A 280 -5.30 13.20 7.78
N SER A 281 -5.56 12.27 8.70
CA SER A 281 -4.63 12.02 9.79
C SER A 281 -3.24 11.69 9.26
N GLY A 282 -2.23 12.32 9.85
CA GLY A 282 -0.85 12.09 9.46
C GLY A 282 -0.58 12.16 7.97
N ASN A 283 -1.33 12.99 7.25
CA ASN A 283 -1.19 13.08 5.79
C ASN A 283 -1.56 14.50 5.38
N PHE A 284 -0.76 15.45 5.85
CA PHE A 284 -0.99 16.87 5.62
C PHE A 284 -0.42 17.27 4.26
N SER A 285 -0.96 16.62 3.23
CA SER A 285 -0.42 16.64 1.88
C SER A 285 -1.47 17.22 0.93
N THR A 286 -1.25 18.44 0.46
CA THR A 286 -2.23 19.05 -0.44
C THR A 286 -2.35 18.24 -1.73
N GLU A 287 -1.23 17.75 -2.24
CA GLU A 287 -1.23 16.97 -3.48
C GLU A 287 -1.96 15.64 -3.32
N THR A 288 -1.70 14.92 -2.24
CA THR A 288 -2.41 13.67 -2.02
C THR A 288 -3.89 13.95 -1.79
N LEU A 289 -4.19 14.99 -1.00
CA LEU A 289 -5.58 15.36 -0.75
C LEU A 289 -6.32 15.64 -2.05
N LYS A 290 -5.68 16.41 -2.95
CA LYS A 290 -6.30 16.73 -4.24
C LYS A 290 -6.65 15.47 -5.01
N PHE A 291 -5.68 14.56 -5.13
CA PHE A 291 -5.91 13.30 -5.85
C PHE A 291 -7.09 12.55 -5.23
N CYS A 292 -7.14 12.48 -3.92
CA CYS A 292 -8.25 11.80 -3.27
C CYS A 292 -9.58 12.50 -3.58
N VAL A 293 -9.62 13.83 -3.45
CA VAL A 293 -10.85 14.59 -3.73
C VAL A 293 -11.36 14.31 -5.14
N GLU A 294 -10.46 14.31 -6.12
CA GLU A 294 -10.78 14.06 -7.51
C GLU A 294 -11.45 12.72 -7.73
N HIS A 295 -11.26 11.75 -6.82
CA HIS A 295 -11.84 10.41 -6.94
C HIS A 295 -13.05 10.17 -6.05
N VAL A 296 -13.04 10.61 -4.79
CA VAL A 296 -14.15 10.32 -3.89
C VAL A 296 -15.06 11.50 -3.62
N GLY A 297 -14.65 12.72 -3.95
CA GLY A 297 -15.46 13.90 -3.63
C GLY A 297 -15.02 14.58 -2.34
N ALA A 298 -15.10 15.92 -2.32
CA ALA A 298 -14.69 16.67 -1.12
C ALA A 298 -15.56 16.37 0.07
N GLU A 299 -16.81 15.93 -0.14
CA GLU A 299 -17.70 15.62 0.97
C GLU A 299 -17.35 14.34 1.71
N ARG A 300 -16.38 13.57 1.21
CA ARG A 300 -16.08 12.27 1.81
C ARG A 300 -14.74 12.25 2.53
N ILE A 301 -14.09 13.41 2.70
CA ILE A 301 -12.81 13.52 3.39
C ILE A 301 -12.96 14.48 4.57
N LEU A 302 -12.44 14.05 5.73
CA LEU A 302 -12.52 14.80 6.97
C LEU A 302 -11.12 15.18 7.45
N PHE A 303 -10.94 16.43 7.85
CA PHE A 303 -9.71 16.81 8.55
C PHE A 303 -9.51 15.93 9.79
N SER A 304 -8.25 15.63 10.09
CA SER A 304 -7.86 15.07 11.39
C SER A 304 -6.35 15.20 11.51
N VAL A 305 -5.85 15.10 12.74
CA VAL A 305 -4.44 15.34 13.04
C VAL A 305 -3.65 14.05 13.22
N ASP A 306 -4.18 13.09 13.99
CA ASP A 306 -3.46 11.91 14.49
C ASP A 306 -2.63 12.25 15.74
N SER A 307 -3.12 13.17 16.56
CA SER A 307 -2.45 13.41 17.82
C SER A 307 -2.63 12.22 18.76
N PRO A 308 -1.67 11.97 19.65
CA PRO A 308 -0.43 12.71 19.92
C PRO A 308 0.76 12.24 19.10
N TYR A 309 0.55 11.33 18.14
CA TYR A 309 1.65 10.89 17.29
C TYR A 309 2.04 11.95 16.27
N GLU A 310 1.09 12.77 15.86
CA GLU A 310 1.35 13.98 15.11
C GLU A 310 1.09 15.17 16.03
N HIS A 311 1.61 16.33 15.63
CA HIS A 311 1.48 17.54 16.42
C HIS A 311 0.28 18.35 15.95
N ILE A 312 -0.59 18.74 16.89
CA ILE A 312 -1.78 19.53 16.55
C ILE A 312 -1.39 20.81 15.82
N ASP A 313 -0.33 21.48 16.28
CA ASP A 313 0.12 22.72 15.64
C ASP A 313 0.60 22.48 14.22
N VAL A 314 1.12 21.29 13.93
CA VAL A 314 1.60 20.98 12.58
C VAL A 314 0.43 20.68 11.65
N GLY A 315 -0.49 19.82 12.11
CA GLY A 315 -1.62 19.46 11.26
C GLY A 315 -2.56 20.61 11.00
N CYS A 316 -2.91 21.37 12.06
CA CYS A 316 -3.73 22.56 11.86
C CYS A 316 -2.97 23.62 11.09
N GLY A 317 -1.65 23.70 11.32
CA GLY A 317 -0.82 24.65 10.59
C GLY A 317 -0.87 24.43 9.09
N TRP A 318 -0.81 23.17 8.65
CA TRP A 318 -0.96 22.87 7.23
C TRP A 318 -2.29 23.38 6.71
N TYR A 319 -3.38 22.99 7.37
CA TYR A 319 -4.71 23.30 6.85
C TYR A 319 -5.01 24.79 6.92
N ASP A 320 -4.57 25.45 8.00
CA ASP A 320 -4.85 26.88 8.19
C ASP A 320 -3.95 27.75 7.32
N ASP A 321 -2.63 27.53 7.39
CA ASP A 321 -1.70 28.43 6.72
C ASP A 321 -1.78 28.35 5.20
N ASN A 322 -2.25 27.22 4.66
CA ASN A 322 -2.32 27.03 3.22
C ASN A 322 -3.75 27.06 2.70
N ALA A 323 -4.62 27.80 3.38
CA ALA A 323 -6.04 27.83 3.03
C ALA A 323 -6.28 28.04 1.55
N LYS A 324 -5.64 29.06 0.97
CA LYS A 324 -5.96 29.37 -0.45
C LYS A 324 -5.54 28.22 -1.35
N ALA A 325 -4.29 27.76 -1.20
CA ALA A 325 -3.82 26.67 -2.05
C ALA A 325 -4.71 25.43 -1.88
N ILE A 326 -5.12 25.11 -0.66
CA ILE A 326 -5.95 23.93 -0.47
C ILE A 326 -7.33 24.15 -1.09
N MET A 327 -7.91 25.35 -0.90
CA MET A 327 -9.16 25.68 -1.58
C MET A 327 -9.06 25.43 -3.08
N GLU A 328 -7.98 25.92 -3.69
CA GLU A 328 -7.76 25.66 -5.11
C GLU A 328 -7.71 24.17 -5.40
N ALA A 329 -7.04 23.41 -4.52
CA ALA A 329 -6.86 21.98 -4.77
C ALA A 329 -8.17 21.21 -4.66
N VAL A 330 -9.05 21.59 -3.73
CA VAL A 330 -10.21 20.76 -3.41
C VAL A 330 -11.50 21.26 -4.03
N GLY A 331 -11.48 22.41 -4.71
CA GLY A 331 -12.64 22.90 -5.42
C GLY A 331 -13.39 24.06 -4.81
N GLY A 332 -12.77 24.85 -3.96
CA GLY A 332 -13.31 26.13 -3.55
C GLY A 332 -13.54 26.22 -2.05
N GLU A 333 -14.18 27.31 -1.64
CA GLU A 333 -14.29 27.61 -0.22
C GLU A 333 -15.21 26.63 0.49
N LYS A 334 -16.32 26.22 -0.13
CA LYS A 334 -17.21 25.25 0.52
C LYS A 334 -16.51 23.92 0.72
N ALA A 335 -15.85 23.41 -0.32
CA ALA A 335 -15.09 22.17 -0.18
C ALA A 335 -14.11 22.26 0.99
N TYR A 336 -13.43 23.40 1.11
CA TYR A 336 -12.49 23.58 2.20
C TYR A 336 -13.16 23.39 3.56
N LYS A 337 -14.23 24.17 3.79
CA LYS A 337 -14.90 24.18 5.13
C LYS A 337 -15.51 22.81 5.37
N ASP A 338 -15.95 22.19 4.30
CA ASP A 338 -16.51 20.81 4.38
C ASP A 338 -15.49 19.83 4.94
N ILE A 339 -14.33 19.75 4.30
CA ILE A 339 -13.26 18.88 4.78
C ILE A 339 -12.86 19.26 6.20
N GLY A 340 -12.73 20.57 6.48
CA GLY A 340 -12.29 20.99 7.79
C GLY A 340 -13.28 20.72 8.91
N ARG A 341 -14.57 20.73 8.60
CA ARG A 341 -15.52 20.82 9.69
C ARG A 341 -16.90 20.28 9.32
N ASP A 342 -17.43 20.71 8.19
CA ASP A 342 -18.86 20.51 7.98
C ASP A 342 -19.19 19.11 7.51
N ASN A 343 -18.25 18.40 6.88
CA ASN A 343 -18.49 16.98 6.61
C ASN A 343 -18.71 16.20 7.91
N ALA A 344 -17.82 16.41 8.88
CA ALA A 344 -17.92 15.72 10.16
C ALA A 344 -19.16 16.16 10.93
N LYS A 345 -19.45 17.46 10.93
CA LYS A 345 -20.66 17.96 11.58
C LYS A 345 -21.89 17.20 11.09
N LYS A 346 -21.96 16.96 9.78
CA LYS A 346 -23.07 16.23 9.18
C LYS A 346 -22.99 14.74 9.50
N LEU A 347 -21.81 14.14 9.33
CA LEU A 347 -21.66 12.69 9.49
C LEU A 347 -22.02 12.26 10.90
N PHE A 348 -21.53 12.95 11.92
CA PHE A 348 -21.77 12.58 13.30
C PHE A 348 -22.99 13.29 13.90
N LYS A 349 -23.78 13.96 13.06
CA LYS A 349 -25.01 14.66 13.47
C LYS A 349 -24.74 15.59 14.66
N LEU A 350 -23.67 16.36 14.55
CA LEU A 350 -23.21 17.16 15.68
C LEU A 350 -24.16 18.32 15.96
N GLY A 351 -24.48 18.52 17.24
CA GLY A 351 -25.17 19.71 17.67
C GLY A 351 -24.27 20.93 17.50
N LYS A 352 -24.72 22.05 18.05
CA LYS A 352 -23.85 23.20 18.17
C LYS A 352 -22.64 22.83 19.01
N PHE A 353 -21.46 23.21 18.56
CA PHE A 353 -20.26 22.94 19.34
C PHE A 353 -19.35 24.16 19.23
N TYR A 354 -18.23 24.11 19.96
CA TYR A 354 -17.29 25.23 20.01
C TYR A 354 -16.90 25.69 18.62
N ASP A 355 -17.18 26.97 18.32
CA ASP A 355 -16.88 27.61 17.04
C ASP A 355 -17.54 26.91 15.86
N SER A 356 -18.64 26.16 16.09
CA SER A 356 -19.17 25.34 15.02
C SER A 356 -19.71 26.17 13.85
N GLU A 357 -20.02 27.44 14.07
CA GLU A 357 -20.44 28.31 12.97
C GLU A 357 -19.45 29.46 12.73
N ALA A 358 -18.28 29.44 13.36
CA ALA A 358 -17.29 30.50 13.21
C ALA A 358 -16.81 30.66 11.77
N HIS B 2 -7.11 20.56 -36.41
CA HIS B 2 -6.78 19.35 -37.16
C HIS B 2 -5.51 18.69 -36.69
N HIS B 3 -5.49 17.37 -36.82
CA HIS B 3 -4.27 16.58 -36.76
C HIS B 3 -4.49 15.33 -37.61
N HIS B 4 -3.39 14.80 -38.14
CA HIS B 4 -3.45 13.57 -38.93
C HIS B 4 -3.38 12.35 -38.03
N HIS B 5 -2.25 12.16 -37.36
CA HIS B 5 -2.04 11.01 -36.49
C HIS B 5 -2.49 11.31 -35.07
N HIS B 6 -3.07 10.31 -34.41
CA HIS B 6 -3.45 10.50 -33.01
C HIS B 6 -2.24 10.46 -32.08
N GLY B 7 -1.09 9.98 -32.54
CA GLY B 7 0.13 10.12 -31.78
C GLY B 7 0.64 8.87 -31.12
N SER B 8 -0.02 7.73 -31.30
CA SER B 8 0.52 6.47 -30.79
C SER B 8 1.88 6.19 -31.42
N MET B 9 2.67 5.33 -30.76
CA MET B 9 4.01 5.06 -31.24
C MET B 9 4.20 3.55 -31.34
N ARG B 10 5.11 3.15 -32.22
CA ARG B 10 5.61 1.79 -32.25
C ARG B 10 7.01 1.78 -31.61
N GLY B 11 7.54 0.58 -31.40
CA GLY B 11 8.83 0.42 -30.74
C GLY B 11 8.79 0.53 -29.23
N LYS B 12 7.62 0.43 -28.61
CA LYS B 12 7.53 0.53 -27.16
C LYS B 12 8.35 -0.60 -26.54
N VAL B 13 8.93 -0.33 -25.39
CA VAL B 13 9.60 -1.37 -24.62
C VAL B 13 8.68 -1.82 -23.48
N SER B 14 8.65 -3.13 -23.25
CA SER B 14 7.77 -3.75 -22.28
C SER B 14 8.59 -4.76 -21.49
N LEU B 15 8.60 -4.63 -20.15
CA LEU B 15 9.64 -5.35 -19.43
C LEU B 15 9.18 -5.91 -18.09
N GLU B 16 7.89 -6.22 -17.94
CA GLU B 16 7.44 -7.05 -16.81
C GLU B 16 6.65 -8.24 -17.36
N GLU B 17 7.32 -9.00 -18.25
CA GLU B 17 6.65 -9.96 -19.11
C GLU B 17 7.18 -11.35 -18.77
N ALA B 18 6.32 -12.17 -18.16
CA ALA B 18 6.75 -13.37 -17.45
C ALA B 18 6.62 -14.62 -18.30
N PHE B 19 7.47 -15.62 -17.98
CA PHE B 19 7.37 -16.96 -18.55
C PHE B 19 7.59 -18.01 -17.44
N GLU B 20 7.30 -19.27 -17.79
CA GLU B 20 7.68 -20.43 -17.01
C GLU B 20 8.37 -21.43 -17.92
N LEU B 21 9.27 -22.22 -17.32
CA LEU B 21 9.89 -23.34 -18.02
C LEU B 21 8.82 -24.29 -18.54
N PRO B 22 8.82 -24.62 -19.83
CA PRO B 22 7.80 -25.55 -20.34
C PRO B 22 7.73 -26.87 -19.59
N LYS B 23 8.84 -27.39 -19.08
CA LYS B 23 8.80 -28.65 -18.37
C LYS B 23 8.01 -28.55 -17.07
N PHE B 24 7.76 -27.34 -16.57
CA PHE B 24 6.94 -27.16 -15.38
C PHE B 24 5.55 -26.62 -15.73
N ALA B 25 5.05 -26.96 -16.92
CA ALA B 25 3.72 -26.50 -17.31
C ALA B 25 2.67 -26.84 -16.25
N ALA B 26 2.83 -27.95 -15.53
CA ALA B 26 1.83 -28.30 -14.53
C ALA B 26 1.79 -27.28 -13.39
N GLN B 27 2.94 -26.68 -13.07
CA GLN B 27 2.94 -25.65 -12.04
C GLN B 27 2.14 -24.41 -12.46
N THR B 28 2.04 -24.13 -13.77
CA THR B 28 1.30 -22.94 -14.18
C THR B 28 -0.20 -23.08 -13.89
N LYS B 29 -0.68 -24.30 -13.70
CA LYS B 29 -2.09 -24.49 -13.33
C LYS B 29 -2.40 -23.87 -11.98
N GLU B 30 -1.46 -23.89 -11.03
CA GLU B 30 -1.76 -23.32 -9.73
C GLU B 30 -1.76 -21.79 -9.78
N LYS B 31 -0.91 -21.21 -10.63
CA LYS B 31 -0.96 -19.77 -10.86
C LYS B 31 -2.27 -19.37 -11.52
N ALA B 32 -2.75 -20.17 -12.47
CA ALA B 32 -4.01 -19.87 -13.12
C ALA B 32 -5.15 -19.80 -12.11
N GLU B 33 -5.14 -20.66 -11.10
CA GLU B 33 -6.20 -20.66 -10.08
C GLU B 33 -6.11 -19.44 -9.16
N LEU B 34 -4.96 -18.79 -9.08
CA LEU B 34 -4.80 -17.59 -8.29
C LEU B 34 -5.10 -16.31 -9.08
N TYR B 35 -4.80 -16.28 -10.38
CA TYR B 35 -4.71 -15.02 -11.10
C TYR B 35 -5.49 -14.94 -12.41
N ILE B 36 -6.08 -16.02 -12.91
CA ILE B 36 -6.58 -16.04 -14.28
C ILE B 36 -8.05 -16.45 -14.28
N ALA B 37 -8.92 -15.57 -14.77
CA ALA B 37 -10.33 -15.90 -14.92
C ALA B 37 -10.50 -17.02 -15.96
N PRO B 38 -11.54 -17.85 -15.81
CA PRO B 38 -11.72 -19.00 -16.72
C PRO B 38 -11.65 -18.68 -18.22
N ASN B 39 -12.25 -17.58 -18.68
CA ASN B 39 -12.22 -17.32 -20.12
C ASN B 39 -10.83 -16.94 -20.63
N ASN B 40 -9.88 -16.66 -19.74
CA ASN B 40 -8.53 -16.27 -20.14
C ASN B 40 -7.53 -17.39 -19.95
N ARG B 41 -8.00 -18.59 -19.58
CA ARG B 41 -7.10 -19.71 -19.29
C ARG B 41 -6.34 -20.16 -20.53
N ASP B 42 -7.05 -20.41 -21.64
CA ASP B 42 -6.35 -20.89 -22.84
C ASP B 42 -5.24 -19.94 -23.25
N ARG B 43 -5.53 -18.64 -23.28
CA ARG B 43 -4.53 -17.66 -23.69
C ARG B 43 -3.39 -17.58 -22.70
N TYR B 44 -3.69 -17.62 -21.39
CA TYR B 44 -2.65 -17.63 -20.37
C TYR B 44 -1.67 -18.78 -20.58
N PHE B 45 -2.19 -20.01 -20.74
CA PHE B 45 -1.32 -21.18 -20.89
C PHE B 45 -0.48 -21.10 -22.16
N GLU B 46 -1.05 -20.59 -23.26
CA GLU B 46 -0.24 -20.45 -24.47
C GLU B 46 0.86 -19.42 -24.29
N GLU B 47 0.57 -18.29 -23.62
CA GLU B 47 1.57 -17.24 -23.52
C GLU B 47 2.65 -17.56 -22.48
N ILE B 48 2.25 -18.06 -21.29
CA ILE B 48 3.22 -18.28 -20.23
C ILE B 48 4.27 -19.30 -20.65
N LEU B 49 3.93 -20.22 -21.57
CA LEU B 49 4.82 -21.30 -21.98
C LEU B 49 5.46 -21.10 -23.35
N ASN B 50 5.23 -19.97 -24.02
CA ASN B 50 5.74 -19.74 -25.37
C ASN B 50 6.19 -18.30 -25.56
N PRO B 51 7.43 -17.97 -25.17
CA PRO B 51 7.88 -16.58 -25.37
C PRO B 51 7.80 -16.12 -26.81
N CYS B 52 7.88 -17.04 -27.77
CA CYS B 52 7.88 -16.72 -29.19
C CYS B 52 6.55 -17.05 -29.87
N GLY B 53 5.50 -17.33 -29.11
CA GLY B 53 4.22 -17.70 -29.70
C GLY B 53 3.33 -16.51 -29.99
N ASN B 54 2.04 -16.63 -29.70
CA ASN B 54 1.12 -15.58 -30.09
C ASN B 54 1.45 -14.26 -29.38
N ARG B 55 2.06 -14.31 -28.20
CA ARG B 55 2.34 -13.06 -27.50
C ARG B 55 3.32 -12.21 -28.29
N LEU B 56 4.23 -12.84 -29.04
CA LEU B 56 5.14 -12.11 -29.91
C LEU B 56 4.39 -11.50 -31.09
N GLU B 57 3.46 -12.26 -31.68
CA GLU B 57 2.61 -11.72 -32.74
C GLU B 57 1.82 -10.52 -32.24
N LEU B 58 1.25 -10.62 -31.04
CA LEU B 58 0.52 -9.49 -30.50
C LEU B 58 1.43 -8.29 -30.28
N SER B 59 2.64 -8.54 -29.78
CA SER B 59 3.58 -7.44 -29.53
C SER B 59 3.94 -6.72 -30.82
N ASN B 60 4.21 -7.48 -31.88
CA ASN B 60 4.44 -6.86 -33.19
C ASN B 60 3.24 -6.05 -33.65
N LYS B 61 2.04 -6.64 -33.57
CA LYS B 61 0.83 -5.96 -34.01
C LYS B 61 0.62 -4.67 -33.23
N HIS B 62 0.92 -4.67 -31.94
CA HIS B 62 0.54 -3.58 -31.05
C HIS B 62 1.69 -2.62 -30.78
N GLY B 63 2.73 -2.64 -31.60
CA GLY B 63 3.72 -1.59 -31.53
C GLY B 63 4.68 -1.69 -30.36
N ILE B 64 4.95 -2.91 -29.89
CA ILE B 64 6.05 -3.18 -28.98
C ILE B 64 7.27 -3.53 -29.81
N GLY B 65 8.37 -2.83 -29.54
CA GLY B 65 9.63 -3.04 -30.25
C GLY B 65 10.60 -3.94 -29.51
N TYR B 66 10.46 -4.04 -28.18
CA TYR B 66 11.43 -4.81 -27.40
C TYR B 66 10.77 -5.31 -26.15
N THR B 67 10.75 -6.63 -25.98
CA THR B 67 10.17 -7.28 -24.81
C THR B 67 11.31 -7.85 -23.97
N ILE B 68 11.37 -7.49 -22.69
CA ILE B 68 12.29 -8.13 -21.75
C ILE B 68 11.50 -9.15 -20.93
N TYR B 69 11.86 -10.42 -21.09
CA TYR B 69 11.22 -11.54 -20.41
C TYR B 69 11.86 -11.79 -19.05
N SER B 70 11.06 -12.35 -18.13
CA SER B 70 11.51 -12.65 -16.79
C SER B 70 10.73 -13.85 -16.27
N ILE B 71 11.29 -14.56 -15.28
CA ILE B 71 10.59 -15.71 -14.72
C ILE B 71 9.36 -15.24 -13.96
N TYR B 72 8.27 -16.03 -14.03
CA TYR B 72 7.05 -15.67 -13.32
C TYR B 72 7.22 -15.88 -11.80
N SER B 73 6.13 -15.65 -11.08
CA SER B 73 6.19 -15.51 -9.64
C SER B 73 5.42 -16.61 -8.92
N PRO B 74 5.99 -17.17 -7.83
CA PRO B 74 7.24 -16.75 -7.20
C PRO B 74 8.49 -17.19 -7.97
N GLY B 75 8.38 -18.16 -8.87
CA GLY B 75 9.58 -18.65 -9.53
C GLY B 75 10.55 -19.16 -8.51
N PRO B 76 11.85 -18.87 -8.70
CA PRO B 76 12.86 -19.35 -7.74
C PRO B 76 12.59 -18.90 -6.31
N GLN B 77 11.89 -17.78 -6.10
CA GLN B 77 11.67 -17.31 -4.74
C GLN B 77 10.72 -18.22 -3.97
N GLY B 78 9.97 -19.08 -4.65
CA GLY B 78 9.15 -20.07 -3.97
C GLY B 78 9.78 -21.45 -3.81
N TRP B 79 10.99 -21.66 -4.35
CA TRP B 79 11.70 -22.92 -4.20
C TRP B 79 12.55 -22.86 -2.93
N THR B 80 12.17 -23.65 -1.93
CA THR B 80 12.69 -23.49 -0.58
C THR B 80 14.01 -24.22 -0.36
N GLU B 81 14.37 -25.15 -1.25
CA GLU B 81 15.59 -25.94 -1.09
C GLU B 81 16.66 -25.31 -1.97
N ARG B 82 17.73 -24.81 -1.32
CA ARG B 82 18.75 -24.01 -1.98
C ARG B 82 19.29 -24.66 -3.26
N ALA B 83 19.68 -25.93 -3.17
CA ALA B 83 20.31 -26.57 -4.34
C ALA B 83 19.32 -26.72 -5.49
N GLU B 84 18.08 -27.10 -5.20
CA GLU B 84 17.07 -27.20 -6.24
C GLU B 84 16.79 -25.82 -6.85
N CYS B 85 16.69 -24.82 -5.99
CA CYS B 85 16.41 -23.46 -6.43
C CYS B 85 17.51 -22.96 -7.37
N GLU B 86 18.78 -23.19 -7.01
CA GLU B 86 19.91 -22.75 -7.85
C GLU B 86 19.90 -23.43 -9.21
N GLU B 87 19.61 -24.73 -9.23
CA GLU B 87 19.54 -25.46 -10.53
C GLU B 87 18.40 -24.88 -11.37
N TYR B 88 17.27 -24.59 -10.73
CA TYR B 88 16.10 -24.12 -11.44
C TYR B 88 16.34 -22.75 -12.08
N ALA B 89 16.89 -21.82 -11.31
CA ALA B 89 17.19 -20.49 -11.83
C ALA B 89 18.11 -20.60 -13.04
N ARG B 90 19.16 -21.43 -12.94
CA ARG B 90 20.07 -21.64 -14.06
C ARG B 90 19.33 -22.14 -15.29
N GLU B 91 18.48 -23.14 -15.10
CA GLU B 91 17.69 -23.68 -16.21
C GLU B 91 16.80 -22.61 -16.84
N CYS B 92 16.20 -21.75 -16.01
CA CYS B 92 15.37 -20.67 -16.51
C CYS B 92 16.18 -19.75 -17.41
N ASN B 93 17.38 -19.37 -16.97
CA ASN B 93 18.19 -18.44 -17.73
C ASN B 93 18.70 -19.08 -19.02
N ASP B 94 19.12 -20.36 -18.98
CA ASP B 94 19.57 -21.01 -20.20
C ASP B 94 18.43 -21.17 -21.19
N TYR B 95 17.23 -21.50 -20.69
CA TYR B 95 16.06 -21.65 -21.56
C TYR B 95 15.70 -20.35 -22.24
N ILE B 96 15.53 -19.28 -21.45
CA ILE B 96 15.08 -18.04 -22.09
C ILE B 96 16.19 -17.49 -22.96
N SER B 97 17.46 -17.73 -22.60
CA SER B 97 18.55 -17.33 -23.49
C SER B 97 18.40 -17.97 -24.87
N GLY B 98 18.07 -19.27 -24.90
CA GLY B 98 17.87 -19.95 -26.17
C GLY B 98 16.65 -19.48 -26.95
N GLU B 99 15.58 -19.09 -26.25
CA GLU B 99 14.35 -18.60 -26.95
C GLU B 99 14.59 -17.21 -27.57
N ILE B 100 15.18 -16.28 -26.82
CA ILE B 100 15.44 -14.86 -27.27
C ILE B 100 16.45 -14.83 -28.42
N ALA B 101 17.29 -15.87 -28.54
CA ALA B 101 18.37 -15.88 -29.55
C ALA B 101 17.73 -15.75 -30.94
N ASN B 102 16.56 -16.36 -31.14
CA ASN B 102 15.82 -16.28 -32.42
C ASN B 102 15.43 -14.82 -32.74
N HIS B 103 15.08 -14.02 -31.74
CA HIS B 103 14.61 -12.63 -32.02
C HIS B 103 15.38 -11.61 -31.17
N LYS B 104 16.67 -11.42 -31.46
CA LYS B 104 17.52 -10.48 -30.67
C LYS B 104 17.10 -9.02 -30.90
N ASP B 105 16.54 -8.69 -32.07
CA ASP B 105 16.04 -7.32 -32.35
C ASP B 105 14.90 -6.96 -31.38
N ARG B 106 14.04 -7.91 -31.00
CA ARG B 106 12.85 -7.55 -30.17
C ARG B 106 12.71 -8.31 -28.83
N MET B 107 13.74 -8.99 -28.32
CA MET B 107 13.62 -9.72 -27.07
C MET B 107 14.92 -9.63 -26.29
N GLY B 108 14.79 -9.38 -24.99
CA GLY B 108 15.90 -9.55 -24.06
C GLY B 108 15.41 -10.25 -22.81
N ALA B 109 16.27 -10.40 -21.80
CA ALA B 109 15.83 -11.07 -20.59
C ALA B 109 16.48 -10.49 -19.35
N PHE B 110 15.78 -10.65 -18.24
CA PHE B 110 16.28 -10.39 -16.90
C PHE B 110 16.62 -11.74 -16.27
N ALA B 111 17.71 -11.80 -15.52
CA ALA B 111 18.10 -13.04 -14.84
C ALA B 111 17.07 -13.47 -13.80
N ALA B 112 16.72 -14.76 -13.84
CA ALA B 112 16.18 -15.46 -12.67
C ALA B 112 17.31 -15.86 -11.72
N LEU B 113 17.09 -15.70 -10.42
CA LEU B 113 18.12 -15.90 -9.43
C LEU B 113 17.58 -16.68 -8.24
N SER B 114 18.37 -17.66 -7.77
CA SER B 114 18.20 -18.18 -6.42
C SER B 114 18.78 -17.17 -5.44
N MET B 115 17.96 -16.67 -4.53
CA MET B 115 18.42 -15.66 -3.58
C MET B 115 18.57 -16.24 -2.18
N HIS B 116 18.91 -17.53 -2.11
CA HIS B 116 19.28 -18.15 -0.84
C HIS B 116 20.63 -17.64 -0.35
N ASP B 117 21.55 -17.36 -1.27
CA ASP B 117 22.93 -16.97 -0.95
C ASP B 117 23.38 -15.79 -1.79
N PRO B 118 23.82 -14.69 -1.16
CA PRO B 118 24.19 -13.49 -1.92
C PRO B 118 25.30 -13.69 -2.96
N LYS B 119 26.37 -14.42 -2.62
CA LYS B 119 27.45 -14.56 -3.59
C LYS B 119 27.03 -15.47 -4.74
N GLN B 120 26.28 -16.52 -4.44
CA GLN B 120 25.86 -17.40 -5.53
C GLN B 120 24.95 -16.65 -6.50
N ALA B 121 24.02 -15.84 -5.99
CA ALA B 121 23.17 -15.05 -6.87
C ALA B 121 24.00 -14.05 -7.67
N SER B 122 25.03 -13.47 -7.03
CA SER B 122 25.92 -12.55 -7.71
C SER B 122 26.60 -13.22 -8.89
N GLU B 123 27.05 -14.47 -8.69
CA GLU B 123 27.73 -15.19 -9.76
C GLU B 123 26.77 -15.55 -10.89
N GLU B 124 25.54 -15.95 -10.55
CA GLU B 124 24.59 -16.27 -11.61
C GLU B 124 24.16 -14.99 -12.37
N LEU B 125 24.03 -13.87 -11.66
CA LEU B 125 23.72 -12.61 -12.35
C LEU B 125 24.83 -12.23 -13.30
N THR B 126 26.08 -12.37 -12.85
CA THR B 126 27.23 -12.07 -13.70
C THR B 126 27.26 -12.98 -14.92
N ARG B 127 26.99 -14.28 -14.74
CA ARG B 127 26.94 -15.19 -15.89
C ARG B 127 25.88 -14.73 -16.88
N CYS B 128 24.69 -14.37 -16.38
CA CYS B 128 23.60 -13.94 -17.27
C CYS B 128 23.97 -12.69 -18.05
N VAL B 129 24.52 -11.70 -17.37
CA VAL B 129 24.84 -10.44 -18.05
C VAL B 129 26.04 -10.61 -18.98
N LYS B 130 27.13 -11.19 -18.47
CA LYS B 130 28.38 -11.18 -19.22
C LYS B 130 28.42 -12.27 -20.30
N GLU B 131 27.84 -13.44 -20.03
CA GLU B 131 27.84 -14.52 -21.01
C GLU B 131 26.59 -14.59 -21.85
N LEU B 132 25.43 -14.23 -21.31
CA LEU B 132 24.18 -14.37 -22.04
C LEU B 132 23.59 -13.05 -22.51
N GLY B 133 24.17 -11.91 -22.11
CA GLY B 133 23.68 -10.62 -22.57
C GLY B 133 22.43 -10.11 -21.89
N PHE B 134 22.07 -10.64 -20.73
CA PHE B 134 20.86 -10.22 -20.02
C PHE B 134 21.04 -8.79 -19.51
N LEU B 135 19.90 -8.14 -19.20
CA LEU B 135 19.85 -6.69 -19.00
C LEU B 135 19.64 -6.28 -17.55
N GLY B 136 19.65 -7.24 -16.64
CA GLY B 136 19.33 -6.99 -15.25
C GLY B 136 18.85 -8.29 -14.63
N ALA B 137 18.33 -8.16 -13.41
CA ALA B 137 17.74 -9.28 -12.70
C ALA B 137 16.29 -8.94 -12.39
N LEU B 138 15.43 -9.96 -12.38
CA LEU B 138 14.08 -9.78 -11.85
C LEU B 138 13.85 -10.84 -10.78
N VAL B 139 13.59 -10.40 -9.57
CA VAL B 139 13.50 -11.27 -8.41
C VAL B 139 12.15 -11.04 -7.77
N ASN B 140 11.45 -12.11 -7.41
CA ASN B 140 10.07 -11.99 -6.93
C ASN B 140 10.02 -11.86 -5.41
N ASP B 141 10.49 -10.72 -4.92
CA ASP B 141 10.39 -10.38 -3.50
C ASP B 141 11.25 -11.35 -2.68
N VAL B 142 10.93 -11.54 -1.39
CA VAL B 142 11.80 -12.29 -0.49
C VAL B 142 12.00 -13.73 -0.98
N GLN B 143 13.19 -14.27 -0.73
CA GLN B 143 13.46 -15.67 -1.01
C GLN B 143 12.85 -16.51 0.10
N HIS B 144 12.07 -17.52 -0.26
CA HIS B 144 11.47 -18.38 0.75
C HIS B 144 12.29 -19.63 1.01
N ALA B 145 12.29 -20.06 2.28
CA ALA B 145 13.06 -21.21 2.72
C ALA B 145 12.33 -21.86 3.90
N GLY B 146 12.70 -23.11 4.18
CA GLY B 146 12.14 -23.80 5.33
C GLY B 146 10.73 -24.30 5.08
N PRO B 147 10.11 -24.86 6.12
CA PRO B 147 8.80 -25.50 5.93
C PRO B 147 7.76 -24.50 5.45
N GLU B 148 7.13 -24.85 4.33
CA GLU B 148 6.11 -24.01 3.68
C GLU B 148 6.65 -22.63 3.32
N GLY B 149 7.97 -22.48 3.27
CA GLY B 149 8.55 -21.18 2.98
C GLY B 149 8.42 -20.18 4.12
N GLU B 150 8.35 -20.68 5.36
CA GLU B 150 8.16 -19.77 6.48
C GLU B 150 9.33 -18.80 6.64
N THR B 151 10.54 -19.19 6.26
CA THR B 151 11.69 -18.29 6.36
C THR B 151 11.64 -17.29 5.21
N HIS B 152 11.63 -15.99 5.55
CA HIS B 152 11.62 -14.90 4.59
C HIS B 152 13.01 -14.29 4.54
N ILE B 153 13.70 -14.44 3.41
CA ILE B 153 15.04 -13.86 3.22
C ILE B 153 14.88 -12.53 2.53
N PHE B 154 15.20 -11.45 3.25
CA PHE B 154 15.16 -10.09 2.75
C PHE B 154 16.55 -9.68 2.28
N TYR B 155 16.60 -8.83 1.25
CA TYR B 155 17.87 -8.41 0.66
C TYR B 155 18.34 -7.07 1.18
N ASP B 156 17.72 -6.57 2.25
CA ASP B 156 18.12 -5.30 2.83
C ASP B 156 19.01 -5.48 4.06
N GLN B 157 19.51 -6.70 4.30
CA GLN B 157 20.42 -7.04 5.39
C GLN B 157 21.86 -7.00 4.92
N PRO B 158 22.82 -6.81 5.84
CA PRO B 158 24.20 -6.48 5.42
C PRO B 158 24.88 -7.51 4.53
N GLU B 159 24.56 -8.81 4.67
CA GLU B 159 25.26 -9.79 3.84
C GLU B 159 24.92 -9.62 2.37
N TRP B 160 23.86 -8.88 2.06
CA TRP B 160 23.46 -8.67 0.66
C TRP B 160 24.25 -7.58 -0.04
N ASP B 161 25.10 -6.84 0.70
CA ASP B 161 25.94 -5.82 0.06
C ASP B 161 26.78 -6.37 -1.10
N ILE B 162 27.24 -7.63 -1.01
CA ILE B 162 28.03 -8.13 -2.14
C ILE B 162 27.18 -8.25 -3.39
N PHE B 163 25.87 -8.52 -3.23
CA PHE B 163 25.00 -8.60 -4.40
C PHE B 163 24.77 -7.20 -4.98
N TRP B 164 24.50 -6.21 -4.12
CA TRP B 164 24.32 -4.86 -4.64
C TRP B 164 25.58 -4.36 -5.33
N GLN B 165 26.75 -4.72 -4.80
CA GLN B 165 27.99 -4.35 -5.48
C GLN B 165 28.06 -4.98 -6.85
N THR B 166 27.60 -6.22 -6.99
CA THR B 166 27.61 -6.86 -8.31
C THR B 166 26.69 -6.16 -9.29
N CYS B 167 25.49 -5.73 -8.86
CA CYS B 167 24.64 -4.99 -9.77
C CYS B 167 25.32 -3.71 -10.23
N VAL B 168 25.99 -3.03 -9.30
CA VAL B 168 26.70 -1.80 -9.64
C VAL B 168 27.86 -2.10 -10.57
N ASP B 169 28.58 -3.20 -10.33
CA ASP B 169 29.72 -3.55 -11.19
C ASP B 169 29.26 -3.81 -12.61
N LEU B 170 28.18 -4.57 -12.76
CA LEU B 170 27.62 -4.88 -14.06
C LEU B 170 26.85 -3.70 -14.65
N ASP B 171 26.52 -2.71 -13.83
CA ASP B 171 25.67 -1.57 -14.19
C ASP B 171 24.35 -2.03 -14.83
N VAL B 172 23.64 -2.91 -14.13
CA VAL B 172 22.30 -3.33 -14.56
C VAL B 172 21.30 -3.15 -13.42
N PRO B 173 20.03 -2.95 -13.73
CA PRO B 173 19.02 -2.77 -12.68
C PRO B 173 18.52 -4.08 -12.10
N PHE B 174 17.93 -3.93 -10.93
CA PHE B 174 17.32 -5.00 -10.16
C PHE B 174 15.82 -4.72 -10.12
N TYR B 175 15.02 -5.58 -10.75
CA TYR B 175 13.57 -5.44 -10.74
C TYR B 175 13.00 -6.26 -9.59
N LEU B 176 12.39 -5.58 -8.61
CA LEU B 176 11.83 -6.23 -7.42
C LEU B 176 10.33 -6.41 -7.66
N HIS B 177 9.94 -7.60 -8.04
CA HIS B 177 8.62 -8.00 -8.48
C HIS B 177 7.89 -8.65 -7.31
N PRO B 178 6.56 -8.60 -7.26
CA PRO B 178 5.85 -9.19 -6.12
C PRO B 178 5.73 -10.72 -6.19
N GLU B 179 5.27 -11.29 -5.08
CA GLU B 179 5.00 -12.70 -5.01
C GLU B 179 3.87 -12.93 -4.01
N PRO B 180 3.25 -14.11 -4.02
CA PRO B 180 2.10 -14.36 -3.13
C PRO B 180 2.54 -14.62 -1.70
N PRO B 181 1.59 -14.68 -0.76
CA PRO B 181 1.92 -14.98 0.63
C PRO B 181 2.22 -16.45 0.85
N PHE B 182 3.11 -16.72 1.82
CA PHE B 182 3.51 -18.08 2.20
C PHE B 182 3.21 -18.34 3.67
N GLY B 183 3.07 -19.61 4.02
CA GLY B 183 3.19 -20.05 5.40
C GLY B 183 2.15 -19.45 6.33
N SER B 184 2.62 -19.06 7.52
CA SER B 184 1.68 -18.55 8.52
C SER B 184 1.04 -17.24 8.08
N TYR B 185 1.76 -16.45 7.29
CA TYR B 185 1.23 -15.20 6.75
C TYR B 185 0.03 -15.44 5.84
N LEU B 186 0.18 -16.40 4.91
CA LEU B 186 -0.93 -16.81 4.07
C LEU B 186 -2.11 -17.27 4.91
N ARG B 187 -1.84 -18.15 5.86
CA ARG B 187 -2.90 -18.76 6.65
C ARG B 187 -3.59 -17.74 7.54
N ASN B 188 -2.80 -16.94 8.28
CA ASN B 188 -3.38 -16.00 9.24
C ASN B 188 -4.13 -14.87 8.55
N GLN B 189 -3.59 -14.38 7.44
CA GLN B 189 -4.00 -13.08 6.93
C GLN B 189 -4.67 -13.13 5.56
N TYR B 190 -4.58 -14.25 4.83
CA TYR B 190 -5.20 -14.28 3.51
C TYR B 190 -6.22 -15.39 3.29
N GLU B 191 -6.25 -16.42 4.14
CA GLU B 191 -7.17 -17.53 3.90
C GLU B 191 -8.63 -17.07 3.87
N GLY B 192 -8.99 -16.13 4.75
CA GLY B 192 -10.34 -15.60 4.72
C GLY B 192 -10.65 -14.52 3.70
N ARG B 193 -9.69 -14.14 2.87
CA ARG B 193 -9.88 -13.10 1.87
C ARG B 193 -8.94 -13.42 0.69
N LYS B 194 -9.09 -14.63 0.14
CA LYS B 194 -8.11 -15.16 -0.81
C LYS B 194 -8.08 -14.38 -2.11
N TYR B 195 -9.16 -13.68 -2.47
CA TYR B 195 -9.12 -12.90 -3.69
C TYR B 195 -8.30 -11.64 -3.55
N LEU B 196 -7.74 -11.38 -2.37
CA LEU B 196 -6.81 -10.27 -2.22
C LEU B 196 -5.35 -10.70 -2.41
N ILE B 197 -5.13 -11.99 -2.69
CA ILE B 197 -3.74 -12.42 -3.03
C ILE B 197 -3.48 -11.92 -4.45
N GLY B 198 -2.30 -11.37 -4.70
CA GLY B 198 -2.06 -10.76 -6.03
C GLY B 198 -2.23 -9.25 -6.08
N PRO B 199 -2.60 -8.69 -7.25
CA PRO B 199 -2.63 -7.24 -7.44
C PRO B 199 -3.51 -6.43 -6.48
N PRO B 200 -4.68 -6.92 -6.01
CA PRO B 200 -5.52 -6.03 -5.21
C PRO B 200 -4.83 -5.51 -3.94
N VAL B 201 -4.12 -6.34 -3.18
CA VAL B 201 -3.34 -5.79 -2.01
C VAL B 201 -1.99 -6.51 -1.80
N SER B 202 -2.04 -7.82 -1.56
CA SER B 202 -0.84 -8.61 -1.15
C SER B 202 0.45 -8.26 -1.89
N PHE B 203 0.38 -8.17 -3.21
CA PHE B 203 1.59 -8.01 -4.00
C PHE B 203 2.35 -6.74 -3.61
N ALA B 204 1.67 -5.59 -3.67
CA ALA B 204 2.38 -4.36 -3.39
C ALA B 204 2.72 -4.26 -1.91
N ASN B 205 1.92 -4.86 -1.03
CA ASN B 205 2.28 -4.84 0.39
C ASN B 205 3.66 -5.40 0.60
N GLY B 206 3.99 -6.49 -0.10
CA GLY B 206 5.30 -7.11 0.06
C GLY B 206 6.42 -6.31 -0.57
N VAL B 207 6.25 -5.89 -1.84
CA VAL B 207 7.32 -5.17 -2.52
C VAL B 207 7.62 -3.86 -1.81
N SER B 208 6.58 -3.10 -1.44
CA SER B 208 6.81 -1.81 -0.80
C SER B 208 7.55 -1.99 0.52
N LEU B 209 7.15 -2.99 1.33
CA LEU B 209 7.91 -3.32 2.55
C LEU B 209 9.38 -3.57 2.24
N HIS B 210 9.65 -4.32 1.18
CA HIS B 210 11.01 -4.76 0.90
C HIS B 210 11.87 -3.61 0.40
N VAL B 211 11.34 -2.81 -0.55
CA VAL B 211 12.15 -1.72 -1.11
C VAL B 211 12.30 -0.60 -0.09
N LEU B 212 11.25 -0.34 0.70
CA LEU B 212 11.44 0.59 1.81
C LEU B 212 12.45 0.06 2.81
N GLY B 213 12.55 -1.27 2.95
CA GLY B 213 13.57 -1.86 3.81
C GLY B 213 14.98 -1.59 3.29
N MET B 214 15.14 -1.71 1.97
CA MET B 214 16.42 -1.36 1.36
C MET B 214 16.76 0.09 1.65
N ILE B 215 15.77 0.98 1.55
CA ILE B 215 16.01 2.41 1.76
C ILE B 215 16.40 2.68 3.21
N VAL B 216 15.60 2.19 4.17
CA VAL B 216 15.89 2.57 5.56
C VAL B 216 17.10 1.82 6.12
N ASN B 217 17.49 0.69 5.53
CA ASN B 217 18.71 0.03 5.97
C ASN B 217 19.96 0.53 5.27
N GLY B 218 19.82 1.58 4.46
CA GLY B 218 20.96 2.27 3.87
C GLY B 218 21.54 1.71 2.61
N VAL B 219 20.86 0.75 1.95
CA VAL B 219 21.41 0.10 0.77
C VAL B 219 21.76 1.13 -0.31
N PHE B 220 20.87 2.08 -0.54
CA PHE B 220 21.07 3.07 -1.58
C PHE B 220 22.06 4.15 -1.16
N ASP B 221 22.33 4.29 0.15
CA ASP B 221 23.39 5.19 0.58
C ASP B 221 24.76 4.54 0.40
N ARG B 222 24.86 3.23 0.67
CA ARG B 222 26.12 2.54 0.46
C ARG B 222 26.37 2.29 -1.01
N PHE B 223 25.32 2.18 -1.82
CA PHE B 223 25.47 1.93 -3.26
C PHE B 223 24.66 2.97 -4.02
N PRO B 224 25.16 4.20 -4.08
CA PRO B 224 24.39 5.29 -4.73
C PRO B 224 24.14 5.07 -6.20
N LYS B 225 24.89 4.21 -6.87
CA LYS B 225 24.68 3.97 -8.29
C LYS B 225 23.76 2.79 -8.55
N LEU B 226 23.22 2.16 -7.51
CA LEU B 226 22.35 1.01 -7.70
C LEU B 226 21.04 1.47 -8.35
N LYS B 227 20.56 0.69 -9.32
CA LYS B 227 19.32 0.95 -10.03
C LYS B 227 18.31 -0.15 -9.71
N VAL B 228 17.12 0.25 -9.28
CA VAL B 228 16.05 -0.67 -8.88
C VAL B 228 14.78 -0.26 -9.62
N ILE B 229 14.00 -1.25 -10.03
CA ILE B 229 12.76 -1.03 -10.77
C ILE B 229 11.60 -1.64 -9.98
N LEU B 230 10.52 -0.90 -9.88
CA LEU B 230 9.29 -1.36 -9.26
C LEU B 230 8.21 -1.30 -10.33
N GLY B 231 7.40 -2.34 -10.41
CA GLY B 231 6.28 -2.33 -11.31
C GLY B 231 5.07 -1.64 -10.69
N HIS B 232 3.97 -1.65 -11.42
CA HIS B 232 2.67 -1.25 -10.88
C HIS B 232 2.70 0.17 -10.33
N LEU B 233 3.47 1.03 -11.00
CA LEU B 233 3.59 2.45 -10.62
C LEU B 233 3.97 2.61 -9.15
N GLY B 234 4.87 1.75 -8.69
CA GLY B 234 5.49 2.02 -7.41
C GLY B 234 4.88 1.35 -6.20
N GLU B 235 3.96 0.40 -6.39
CA GLU B 235 3.54 -0.53 -5.33
C GLU B 235 3.05 0.20 -4.07
N HIS B 236 2.14 1.17 -4.25
CA HIS B 236 1.51 1.97 -3.19
C HIS B 236 2.36 3.14 -2.72
N ILE B 237 3.64 3.21 -3.06
CA ILE B 237 4.46 4.20 -2.36
C ILE B 237 4.19 5.62 -2.82
N PRO B 238 3.97 5.89 -4.12
CA PRO B 238 3.79 7.31 -4.52
C PRO B 238 2.63 8.03 -3.84
N GLY B 239 1.47 7.38 -3.67
CA GLY B 239 0.38 8.01 -2.91
C GLY B 239 0.78 8.39 -1.50
N ASP B 240 1.77 7.69 -0.95
CA ASP B 240 2.27 7.91 0.39
C ASP B 240 3.62 8.62 0.42
N PHE B 241 4.03 9.24 -0.70
CA PHE B 241 5.33 9.93 -0.71
C PHE B 241 5.40 10.94 0.42
N TRP B 242 4.35 11.74 0.59
CA TRP B 242 4.37 12.75 1.65
C TRP B 242 4.39 12.10 3.03
N ARG B 243 3.47 11.18 3.28
CA ARG B 243 3.33 10.59 4.61
C ARG B 243 4.61 9.88 5.05
N ILE B 244 5.21 9.08 4.15
CA ILE B 244 6.38 8.31 4.54
C ILE B 244 7.55 9.24 4.90
N GLU B 245 7.88 10.17 3.99
CA GLU B 245 8.98 11.08 4.28
C GLU B 245 8.68 11.95 5.49
N HIS B 246 7.42 12.39 5.63
CA HIS B 246 7.08 13.14 6.84
C HIS B 246 7.36 12.32 8.10
N TRP B 247 6.95 11.04 8.12
CA TRP B 247 7.19 10.22 9.30
C TRP B 247 8.68 10.03 9.52
N PHE B 248 9.46 9.83 8.44
CA PHE B 248 10.89 9.68 8.58
C PHE B 248 11.53 10.91 9.23
N GLU B 249 11.04 12.10 8.88
CA GLU B 249 11.57 13.35 9.43
C GLU B 249 11.11 13.59 10.86
N HIS B 250 9.83 13.30 11.15
CA HIS B 250 9.20 13.56 12.43
C HIS B 250 9.54 12.50 13.47
N CYS B 251 9.73 11.24 13.03
CA CYS B 251 9.99 10.14 13.96
C CYS B 251 11.27 9.38 13.63
N SER B 252 11.34 8.71 12.48
CA SER B 252 12.29 7.62 12.27
C SER B 252 13.74 8.10 12.26
N ARG B 253 14.04 9.14 11.47
CA ARG B 253 15.44 9.54 11.31
C ARG B 253 16.01 10.02 12.64
N PRO B 254 15.38 10.94 13.38
CA PRO B 254 15.95 11.32 14.69
C PRO B 254 15.96 10.19 15.70
N LEU B 255 14.94 9.31 15.68
CA LEU B 255 14.94 8.19 16.63
C LEU B 255 16.11 7.24 16.37
N ALA B 256 16.29 6.83 15.11
CA ALA B 256 17.43 5.97 14.77
C ALA B 256 18.75 6.63 15.14
N LYS B 257 18.93 7.89 14.73
CA LYS B 257 20.18 8.58 15.02
C LYS B 257 20.46 8.59 16.52
N SER B 258 19.43 8.80 17.33
CA SER B 258 19.60 8.82 18.78
C SER B 258 20.13 7.50 19.33
N ARG B 259 19.90 6.40 18.62
CA ARG B 259 20.33 5.07 19.05
C ARG B 259 21.61 4.60 18.35
N GLY B 260 22.12 5.36 17.39
CA GLY B 260 23.23 4.89 16.58
C GLY B 260 22.85 3.88 15.52
N ASP B 261 21.56 3.75 15.21
CA ASP B 261 21.08 2.82 14.19
C ASP B 261 21.22 3.39 12.78
N VAL B 262 21.53 2.52 11.82
CA VAL B 262 21.51 2.94 10.41
C VAL B 262 20.12 3.45 10.05
N PHE B 263 20.10 4.52 9.26
CA PHE B 263 18.86 5.00 8.67
C PHE B 263 19.16 5.69 7.33
N ALA B 264 18.10 5.80 6.52
CA ALA B 264 18.21 6.53 5.26
C ALA B 264 18.79 7.92 5.45
N GLU B 265 19.83 8.21 4.70
CA GLU B 265 20.49 9.50 4.82
C GLU B 265 19.74 10.62 4.10
N LYS B 266 18.98 10.30 3.03
CA LYS B 266 18.35 11.30 2.17
C LYS B 266 16.83 11.24 2.23
N PRO B 267 16.11 12.25 1.73
CA PRO B 267 14.65 12.19 1.72
C PRO B 267 14.17 11.08 0.80
N LEU B 268 12.96 10.57 1.07
CA LEU B 268 12.40 9.46 0.29
C LEU B 268 12.45 9.75 -1.20
N LEU B 269 12.03 10.95 -1.60
CA LEU B 269 11.97 11.29 -3.01
C LEU B 269 13.34 11.26 -3.68
N HIS B 270 14.42 11.47 -2.93
CA HIS B 270 15.74 11.36 -3.53
C HIS B 270 15.96 9.96 -4.13
N TYR B 271 15.59 8.92 -3.38
CA TYR B 271 15.82 7.58 -3.92
C TYR B 271 14.94 7.34 -5.14
N PHE B 272 13.72 7.87 -5.11
CA PHE B 272 12.80 7.70 -6.23
C PHE B 272 13.10 8.63 -7.40
N ARG B 273 14.01 9.59 -7.22
CA ARG B 273 14.48 10.43 -8.31
C ARG B 273 15.91 10.10 -8.74
N ASN B 274 16.56 9.12 -8.09
CA ASN B 274 17.95 8.80 -8.40
C ASN B 274 18.18 7.32 -8.62
N ASN B 275 17.59 6.49 -7.77
CA ASN B 275 17.88 5.05 -7.74
C ASN B 275 16.75 4.18 -8.22
N ILE B 276 15.52 4.67 -8.26
CA ILE B 276 14.36 3.84 -8.54
C ILE B 276 13.61 4.34 -9.76
N TRP B 277 13.25 3.40 -10.64
CA TRP B 277 12.33 3.62 -11.75
C TRP B 277 11.03 2.84 -11.53
N LEU B 278 9.90 3.37 -12.03
CA LEU B 278 8.61 2.70 -11.99
C LEU B 278 8.21 2.24 -13.39
N THR B 279 7.44 1.16 -13.47
CA THR B 279 6.78 0.76 -14.71
C THR B 279 5.27 0.84 -14.57
N THR B 280 4.61 0.82 -15.72
CA THR B 280 3.15 0.90 -15.77
C THR B 280 2.48 -0.46 -15.78
N SER B 281 3.20 -1.53 -15.43
CA SER B 281 2.61 -2.86 -15.50
C SER B 281 1.31 -2.92 -14.72
N GLY B 282 0.28 -3.51 -15.33
CA GLY B 282 -1.01 -3.66 -14.68
C GLY B 282 -1.58 -2.41 -14.06
N ASN B 283 -1.28 -1.25 -14.63
CA ASN B 283 -1.71 0.01 -14.03
C ASN B 283 -1.87 1.03 -15.16
N PHE B 284 -2.82 0.72 -16.04
CA PHE B 284 -3.06 1.49 -17.26
C PHE B 284 -3.97 2.69 -16.94
N SER B 285 -3.49 3.53 -16.02
CA SER B 285 -4.25 4.59 -15.37
C SER B 285 -3.61 5.92 -15.71
N THR B 286 -4.24 6.68 -16.60
CA THR B 286 -3.67 7.97 -16.96
C THR B 286 -3.58 8.89 -15.75
N GLU B 287 -4.60 8.83 -14.88
CA GLU B 287 -4.64 9.64 -13.66
C GLU B 287 -3.54 9.24 -12.68
N THR B 288 -3.38 7.94 -12.43
CA THR B 288 -2.32 7.52 -11.52
C THR B 288 -0.95 7.86 -12.11
N LEU B 289 -0.79 7.64 -13.42
CA LEU B 289 0.46 7.95 -14.10
C LEU B 289 0.81 9.43 -13.98
N LYS B 290 -0.19 10.31 -14.18
CA LYS B 290 0.03 11.74 -14.05
C LYS B 290 0.56 12.09 -12.66
N PHE B 291 -0.10 11.56 -11.62
CA PHE B 291 0.35 11.83 -10.25
C PHE B 291 1.79 11.39 -10.05
N CYS B 292 2.14 10.20 -10.57
CA CYS B 292 3.51 9.71 -10.45
C CYS B 292 4.48 10.61 -11.20
N VAL B 293 4.14 10.97 -12.46
CA VAL B 293 4.99 11.86 -13.24
C VAL B 293 5.24 13.17 -12.50
N GLU B 294 4.19 13.73 -11.89
CA GLU B 294 4.35 14.97 -11.13
C GLU B 294 5.35 14.85 -9.99
N HIS B 295 5.62 13.64 -9.51
CA HIS B 295 6.52 13.47 -8.38
C HIS B 295 7.92 12.99 -8.75
N VAL B 296 8.06 11.99 -9.63
CA VAL B 296 9.36 11.41 -9.92
C VAL B 296 9.91 11.85 -11.27
N GLY B 297 9.11 12.47 -12.13
CA GLY B 297 9.54 12.88 -13.45
C GLY B 297 9.13 11.90 -14.54
N ALA B 298 8.77 12.40 -15.73
CA ALA B 298 8.38 11.49 -16.80
C ALA B 298 9.52 10.58 -17.22
N GLU B 299 10.77 10.99 -16.98
CA GLU B 299 11.93 10.19 -17.36
C GLU B 299 12.14 8.97 -16.45
N ARG B 300 11.37 8.81 -15.38
CA ARG B 300 11.60 7.72 -14.45
C ARG B 300 10.49 6.66 -14.48
N ILE B 301 9.59 6.73 -15.46
CA ILE B 301 8.49 5.78 -15.58
C ILE B 301 8.58 5.10 -16.94
N LEU B 302 8.49 3.77 -16.95
CA LEU B 302 8.60 2.98 -18.16
C LEU B 302 7.29 2.25 -18.42
N PHE B 303 6.82 2.31 -19.65
CA PHE B 303 5.72 1.46 -20.06
C PHE B 303 6.04 -0.01 -19.82
N SER B 304 5.01 -0.78 -19.44
CA SER B 304 5.06 -2.24 -19.43
C SER B 304 3.64 -2.76 -19.31
N VAL B 305 3.44 -4.03 -19.65
CA VAL B 305 2.11 -4.61 -19.73
C VAL B 305 1.79 -5.48 -18.51
N ASP B 306 2.73 -6.35 -18.11
CA ASP B 306 2.54 -7.41 -17.13
C ASP B 306 1.88 -8.63 -17.79
N SER B 307 2.22 -8.91 -19.05
CA SER B 307 1.77 -10.14 -19.66
C SER B 307 2.48 -11.33 -19.01
N PRO B 308 1.83 -12.51 -19.00
CA PRO B 308 0.51 -12.83 -19.55
C PRO B 308 -0.61 -12.63 -18.54
N TYR B 309 -0.32 -12.06 -17.37
CA TYR B 309 -1.37 -11.79 -16.39
C TYR B 309 -2.26 -10.63 -16.83
N GLU B 310 -1.72 -9.67 -17.58
CA GLU B 310 -2.50 -8.67 -18.30
C GLU B 310 -2.41 -8.99 -19.80
N HIS B 311 -3.32 -8.41 -20.57
CA HIS B 311 -3.37 -8.65 -22.00
C HIS B 311 -2.60 -7.57 -22.74
N ILE B 312 -1.68 -7.97 -23.63
CA ILE B 312 -0.88 -7.02 -24.41
C ILE B 312 -1.79 -6.03 -25.13
N ASP B 313 -2.88 -6.52 -25.73
CA ASP B 313 -3.78 -5.63 -26.45
C ASP B 313 -4.46 -4.61 -25.55
N VAL B 314 -4.65 -4.95 -24.27
CA VAL B 314 -5.28 -4.01 -23.35
C VAL B 314 -4.28 -2.94 -22.91
N GLY B 315 -3.07 -3.37 -22.53
CA GLY B 315 -2.08 -2.40 -22.09
C GLY B 315 -1.61 -1.48 -23.22
N CYS B 316 -1.31 -2.07 -24.38
CA CYS B 316 -0.97 -1.24 -25.53
C CYS B 316 -2.18 -0.43 -25.99
N GLY B 317 -3.38 -1.03 -25.92
CA GLY B 317 -4.57 -0.28 -26.29
C GLY B 317 -4.72 1.00 -25.49
N TRP B 318 -4.47 0.93 -24.17
CA TRP B 318 -4.53 2.12 -23.34
C TRP B 318 -3.51 3.16 -23.81
N TYR B 319 -2.24 2.76 -23.94
CA TYR B 319 -1.20 3.75 -24.23
C TYR B 319 -1.37 4.31 -25.65
N ASP B 320 -1.75 3.47 -26.62
CA ASP B 320 -1.88 3.93 -28.01
C ASP B 320 -3.15 4.73 -28.24
N ASP B 321 -4.29 4.17 -27.85
CA ASP B 321 -5.57 4.78 -28.19
C ASP B 321 -5.78 6.11 -27.49
N ASN B 322 -5.13 6.32 -26.34
CA ASN B 322 -5.28 7.54 -25.56
C ASN B 322 -4.03 8.42 -25.65
N ALA B 323 -3.31 8.30 -26.77
CA ALA B 323 -2.05 9.02 -26.94
C ALA B 323 -2.18 10.50 -26.61
N LYS B 324 -3.23 11.17 -27.12
CA LYS B 324 -3.28 12.62 -26.94
C LYS B 324 -3.60 13.01 -25.50
N ALA B 325 -4.52 12.29 -24.84
CA ALA B 325 -4.77 12.55 -23.44
C ALA B 325 -3.54 12.24 -22.59
N ILE B 326 -2.85 11.14 -22.89
CA ILE B 326 -1.69 10.79 -22.08
C ILE B 326 -0.59 11.85 -22.25
N MET B 327 -0.31 12.26 -23.50
CA MET B 327 0.63 13.37 -23.75
C MET B 327 0.32 14.58 -22.89
N GLU B 328 -0.94 15.00 -22.88
CA GLU B 328 -1.34 16.12 -22.06
C GLU B 328 -1.02 15.87 -20.59
N ALA B 329 -1.31 14.66 -20.10
CA ALA B 329 -1.14 14.34 -18.68
C ALA B 329 0.32 14.31 -18.28
N VAL B 330 1.22 13.83 -19.17
CA VAL B 330 2.61 13.58 -18.79
C VAL B 330 3.55 14.69 -19.24
N GLY B 331 3.05 15.69 -19.95
CA GLY B 331 3.85 16.86 -20.27
C GLY B 331 4.38 16.94 -21.69
N GLY B 332 3.79 16.24 -22.65
CA GLY B 332 4.07 16.48 -24.06
C GLY B 332 4.63 15.26 -24.76
N GLU B 333 5.04 15.47 -26.02
CA GLU B 333 5.36 14.32 -26.87
C GLU B 333 6.63 13.61 -26.41
N LYS B 334 7.67 14.37 -26.02
CA LYS B 334 8.91 13.72 -25.59
C LYS B 334 8.66 12.87 -24.35
N ALA B 335 7.96 13.44 -23.37
CA ALA B 335 7.57 12.70 -22.17
C ALA B 335 6.83 11.42 -22.52
N TYR B 336 5.89 11.50 -23.49
CA TYR B 336 5.12 10.33 -23.92
C TYR B 336 6.02 9.28 -24.57
N LYS B 337 6.92 9.70 -25.45
CA LYS B 337 7.80 8.73 -26.07
C LYS B 337 8.86 8.23 -25.09
N ASP B 338 9.24 9.07 -24.13
CA ASP B 338 10.16 8.62 -23.09
C ASP B 338 9.56 7.47 -22.32
N ILE B 339 8.35 7.66 -21.80
CA ILE B 339 7.68 6.60 -21.06
C ILE B 339 7.45 5.38 -21.96
N GLY B 340 7.01 5.60 -23.19
CA GLY B 340 6.71 4.47 -24.06
C GLY B 340 7.93 3.64 -24.42
N ARG B 341 9.10 4.27 -24.54
CA ARG B 341 10.24 3.60 -25.15
C ARG B 341 11.60 4.14 -24.74
N ASP B 342 11.79 5.45 -24.77
CA ASP B 342 13.16 5.95 -24.75
C ASP B 342 13.76 5.95 -23.35
N ASN B 343 12.95 6.00 -22.29
CA ASN B 343 13.49 5.79 -20.95
C ASN B 343 14.14 4.41 -20.84
N ALA B 344 13.43 3.37 -21.28
CA ALA B 344 14.01 2.03 -21.22
C ALA B 344 15.20 1.91 -22.16
N LYS B 345 15.09 2.47 -23.37
CA LYS B 345 16.19 2.45 -24.32
C LYS B 345 17.47 2.96 -23.68
N LYS B 346 17.36 4.05 -22.93
CA LYS B 346 18.50 4.65 -22.27
C LYS B 346 18.91 3.82 -21.05
N LEU B 347 17.95 3.42 -20.23
CA LEU B 347 18.26 2.72 -18.98
C LEU B 347 19.03 1.42 -19.24
N PHE B 348 18.56 0.61 -20.19
CA PHE B 348 19.18 -0.68 -20.52
C PHE B 348 20.22 -0.58 -21.61
N LYS B 349 20.58 0.63 -22.00
CA LYS B 349 21.61 0.89 -23.02
C LYS B 349 21.36 0.05 -24.28
N LEU B 350 20.11 0.05 -24.73
CA LEU B 350 19.71 -0.78 -25.85
C LEU B 350 20.36 -0.25 -27.12
N GLY B 351 20.84 -1.15 -27.96
CA GLY B 351 21.26 -0.77 -29.29
C GLY B 351 20.06 -0.41 -30.13
N LYS B 352 20.29 -0.24 -31.42
CA LYS B 352 19.14 -0.19 -32.32
C LYS B 352 18.38 -1.50 -32.16
N PHE B 353 17.06 -1.40 -32.07
CA PHE B 353 16.20 -2.57 -31.98
C PHE B 353 14.98 -2.32 -32.85
N TYR B 354 14.11 -3.33 -32.92
CA TYR B 354 12.91 -3.28 -33.76
C TYR B 354 12.07 -2.04 -33.47
N ASP B 355 11.84 -1.22 -34.50
CA ASP B 355 11.05 0.01 -34.42
C ASP B 355 11.60 1.02 -33.40
N SER B 356 12.91 0.94 -33.07
CA SER B 356 13.46 1.78 -32.00
C SER B 356 13.48 3.25 -32.33
N GLU B 357 13.41 3.62 -33.61
CA GLU B 357 13.34 5.01 -34.00
C GLU B 357 12.00 5.38 -34.63
N ALA B 358 11.00 4.51 -34.52
CA ALA B 358 9.66 4.72 -35.08
C ALA B 358 8.93 5.93 -34.48
O3 OPO C . -2.33 6.62 13.11
N1 OPO C . -1.11 6.62 13.04
O2 OPO C . -0.47 6.70 11.99
C1 OPO C . -0.33 6.34 14.23
C2 OPO C . -0.90 6.03 15.48
OH OPO C . -2.23 6.04 15.75
C6 OPO C . 1.06 6.32 14.04
C5 OPO C . 1.92 6.00 15.07
C4 OPO C . 1.36 5.68 16.30
C3 OPO C . -0.01 5.68 16.48
MG MG D . -3.62 7.21 14.60
O3 OPO E . 2.69 -8.42 -11.56
N1 OPO E . 1.53 -8.70 -11.34
O2 OPO E . 0.76 -7.91 -10.81
C1 OPO E . 1.10 -10.06 -11.46
C2 OPO E . 1.98 -11.10 -11.82
OH OPO E . 3.25 -10.93 -12.22
C6 OPO E . -0.23 -10.31 -11.09
C5 OPO E . -0.70 -11.61 -11.07
C4 OPO E . 0.15 -12.64 -11.41
C3 OPO E . 1.47 -12.40 -11.77
MG MG F . 4.03 -9.09 -13.03
#